data_3W87
#
_entry.id   3W87
#
_cell.length_a   67.934
_cell.length_b   71.484
_cell.length_c   129.646
_cell.angle_alpha   90.00
_cell.angle_beta   90.00
_cell.angle_gamma   90.00
#
_symmetry.space_group_name_H-M   'P 21 21 21'
#
loop_
_entity.id
_entity.type
_entity.pdbx_description
1 polymer 'Dihydroorotate dehydrogenase (fumarate)'
2 non-polymer '5-{4-[5-(methoxycarbonyl)naphthalen-2-yl]butyl}-2,6-dioxo-1,2,3,6-tetrahydropyrimidine-4-carboxylic acid'
3 non-polymer GLYCEROL
4 non-polymer 'CACODYLATE ION'
5 non-polymer 'FLAVIN MONONUCLEOTIDE'
6 non-polymer 1,2-ETHANEDIOL
7 non-polymer DI(HYDROXYETHYL)ETHER
8 non-polymer 'COBALT HEXAMMINE(III)'
9 water water
#
_entity_poly.entity_id   1
_entity_poly.type   'polypeptide(L)'
_entity_poly.pdbx_seq_one_letter_code
;SMCLKLNLLDHVFANPFMNAAGVLCSTEEDLRCMTASSSGALVSKSCTSAPRDGNPEPRYMAFPLGSINSMGLPNLGFDF
YLKYASDLHDYSKKPLFLSISGLSVEENVAMVRRLAPVAQEKGVLLELNLSCPNVPGKPQVAYDFEAMRTYLQQVSLAYG
LPFGVKMPPYFDIAHFDTAAAVLNEFPLVKFVTCVNSVGNGLVIDAESESVVIKPKQGFGGLGGKYILPTALANVNAFYR
RCPDKLVFGCGGVYSGEDAFLHILAGASMVQVGTALQEEGPGIFTRLEDELLEIMARKGYRTLEEFRGRVKTIE
;
_entity_poly.pdbx_strand_id   A,B
#
loop_
_chem_comp.id
_chem_comp.type
_chem_comp.name
_chem_comp.formula
CAC non-polymer 'CACODYLATE ION' 'C2 H6 As O2 -1'
EDO non-polymer 1,2-ETHANEDIOL 'C2 H6 O2'
FMN non-polymer 'FLAVIN MONONUCLEOTIDE' 'C17 H21 N4 O9 P'
GOL non-polymer GLYCEROL 'C3 H8 O3'
NCO non-polymer 'COBALT HEXAMMINE(III)' 'Co H18 N6 3'
PEG non-polymer DI(HYDROXYETHYL)ETHER 'C4 H10 O3'
W87 non-polymer '5-{4-[5-(methoxycarbonyl)naphthalen-2-yl]butyl}-2,6-dioxo-1,2,3,6-tetrahydropyrimidine-4-carboxylic acid' 'C21 H20 N2 O6'
#
# COMPACT_ATOMS: atom_id res chain seq x y z
N SER A 1 -20.36 5.45 -26.48
CA SER A 1 -19.22 5.23 -27.38
C SER A 1 -19.39 6.39 -28.38
N MET A 2 -18.71 6.30 -29.55
CA MET A 2 -18.53 7.37 -30.57
C MET A 2 -17.48 8.44 -30.15
N CYS A 3 -17.78 9.39 -29.25
CA CYS A 3 -16.66 10.20 -28.72
C CYS A 3 -16.77 10.31 -27.22
N LEU A 4 -15.56 10.57 -26.56
CA LEU A 4 -15.26 10.48 -25.10
C LEU A 4 -15.22 11.94 -24.57
N LYS A 5 -15.72 13.02 -25.31
CA LYS A 5 -15.51 14.38 -24.80
C LYS A 5 -16.41 14.57 -23.61
N LEU A 6 -15.87 15.38 -22.70
N LEU A 6 -15.88 15.39 -22.71
CA LEU A 6 -16.54 15.74 -21.42
CA LEU A 6 -16.56 15.71 -21.45
C LEU A 6 -16.26 17.14 -20.91
C LEU A 6 -16.28 17.13 -20.94
N ASN A 7 -17.11 17.68 -20.03
N ASN A 7 -17.12 17.69 -20.06
CA ASN A 7 -17.00 19.00 -19.44
CA ASN A 7 -17.00 19.02 -19.47
C ASN A 7 -16.83 18.89 -17.98
C ASN A 7 -16.83 18.89 -18.01
N LEU A 8 -15.81 19.59 -17.39
CA LEU A 8 -15.52 19.63 -15.94
C LEU A 8 -14.84 20.92 -15.59
N LEU A 9 -15.08 21.45 -14.41
CA LEU A 9 -14.35 22.58 -13.90
C LEU A 9 -14.46 23.77 -14.94
N ASP A 10 -15.56 23.90 -15.65
N ASP A 10 -15.56 23.77 -15.72
CA ASP A 10 -15.63 25.02 -16.61
CA ASP A 10 -15.85 24.81 -16.78
C ASP A 10 -14.53 24.95 -17.65
C ASP A 10 -14.84 24.82 -17.92
N HIS A 11 -14.20 23.70 -18.01
CA HIS A 11 -13.40 23.41 -19.17
C HIS A 11 -13.95 22.24 -19.97
N VAL A 12 -13.57 22.16 -21.21
N VAL A 12 -13.74 22.17 -21.27
CA VAL A 12 -14.02 21.10 -22.06
CA VAL A 12 -14.11 20.99 -22.12
C VAL A 12 -12.83 20.15 -22.31
C VAL A 12 -12.86 20.14 -22.32
N PHE A 13 -13.05 18.83 -22.22
CA PHE A 13 -12.01 17.87 -22.44
C PHE A 13 -12.41 16.85 -23.56
N ALA A 14 -11.48 16.55 -24.41
CA ALA A 14 -11.78 15.62 -25.58
C ALA A 14 -11.99 14.19 -25.06
N ASN A 15 -11.46 13.86 -23.87
CA ASN A 15 -11.45 12.51 -23.31
C ASN A 15 -10.96 12.66 -21.88
N PRO A 16 -11.14 11.66 -21.03
CA PRO A 16 -10.82 11.80 -19.59
C PRO A 16 -9.33 11.57 -19.33
N PHE A 17 -8.47 11.32 -20.32
CA PHE A 17 -7.09 10.93 -19.97
C PHE A 17 -6.13 12.06 -19.88
N MET A 18 -5.17 11.94 -18.99
CA MET A 18 -4.08 12.89 -18.90
C MET A 18 -2.89 12.19 -18.31
N ASN A 19 -1.71 12.85 -18.41
CA ASN A 19 -0.60 12.26 -17.66
C ASN A 19 -0.82 12.46 -16.17
N ALA A 20 -0.10 11.62 -15.42
CA ALA A 20 0.03 11.85 -13.97
C ALA A 20 1.19 12.83 -13.72
N ALA A 21 1.02 13.73 -12.74
CA ALA A 21 2.10 14.69 -12.46
C ALA A 21 3.42 14.00 -12.25
N GLY A 22 4.46 14.64 -12.82
CA GLY A 22 5.80 14.10 -12.81
C GLY A 22 6.23 13.28 -13.98
N VAL A 23 5.28 12.72 -14.74
CA VAL A 23 5.61 11.92 -15.92
C VAL A 23 5.39 12.71 -17.20
N LEU A 24 6.44 12.83 -18.01
CA LEU A 24 6.45 13.55 -19.28
C LEU A 24 5.95 14.99 -19.15
N CYS A 25 6.55 15.75 -18.24
CA CYS A 25 5.97 17.07 -17.99
C CYS A 25 6.93 17.98 -17.28
N SER A 26 8.22 17.74 -17.31
CA SER A 26 9.16 18.53 -16.54
C SER A 26 9.72 19.68 -17.37
N THR A 27 9.99 19.50 -18.63
CA THR A 27 10.65 20.49 -19.46
C THR A 27 9.62 21.03 -20.41
N GLU A 28 9.96 22.14 -21.13
CA GLU A 28 9.13 22.66 -22.18
C GLU A 28 8.90 21.61 -23.28
N GLU A 29 9.92 20.87 -23.64
CA GLU A 29 9.82 19.78 -24.65
C GLU A 29 8.79 18.74 -24.15
N ASP A 30 8.85 18.35 -22.88
CA ASP A 30 7.87 17.35 -22.38
C ASP A 30 6.46 17.92 -22.47
N LEU A 31 6.22 19.17 -22.04
CA LEU A 31 4.90 19.77 -22.07
C LEU A 31 4.35 19.95 -23.47
N ARG A 32 5.23 20.28 -24.42
N ARG A 32 5.24 20.29 -24.41
CA ARG A 32 4.78 20.32 -25.79
CA ARG A 32 4.87 20.31 -25.80
C ARG A 32 4.46 18.94 -26.34
C ARG A 32 4.49 18.95 -26.34
N CYS A 33 5.21 17.90 -25.90
CA CYS A 33 4.90 16.53 -26.36
C CYS A 33 3.56 16.09 -25.76
N MET A 34 3.30 16.33 -24.46
CA MET A 34 1.96 15.99 -23.92
C MET A 34 0.88 16.79 -24.60
N THR A 35 1.16 18.03 -24.98
CA THR A 35 0.10 18.82 -25.68
C THR A 35 -0.18 18.25 -27.06
N ALA A 36 0.86 17.79 -27.76
CA ALA A 36 0.68 17.19 -29.09
C ALA A 36 0.04 15.81 -29.08
N SER A 37 0.04 15.15 -27.90
CA SER A 37 -0.57 13.84 -27.75
C SER A 37 -2.09 13.90 -27.81
N SER A 38 -2.68 12.73 -27.88
CA SER A 38 -4.14 12.69 -27.90
C SER A 38 -4.76 12.76 -26.50
N SER A 39 -4.00 12.99 -25.44
CA SER A 39 -4.61 13.16 -24.10
C SER A 39 -5.63 14.26 -24.10
N GLY A 40 -6.60 14.10 -23.20
CA GLY A 40 -7.61 15.14 -22.93
C GLY A 40 -7.07 16.34 -22.23
N ALA A 41 -6.00 16.19 -21.43
CA ALA A 41 -5.42 17.32 -20.62
C ALA A 41 -3.99 16.94 -20.34
N LEU A 42 -3.27 17.85 -19.68
CA LEU A 42 -1.97 17.58 -19.19
C LEU A 42 -1.78 18.32 -17.86
N VAL A 43 -0.85 17.79 -17.06
CA VAL A 43 -0.45 18.45 -15.81
C VAL A 43 1.08 18.55 -15.78
N SER A 44 1.57 19.69 -15.27
CA SER A 44 3.01 19.92 -15.16
C SER A 44 3.68 19.15 -14.01
N LYS A 45 4.98 18.97 -14.01
CA LYS A 45 5.74 18.36 -12.89
C LYS A 45 5.51 19.22 -11.66
N SER A 46 5.30 18.62 -10.53
CA SER A 46 5.18 19.45 -9.28
C SER A 46 6.44 20.33 -9.12
N CYS A 47 6.17 21.60 -8.79
CA CYS A 47 7.29 22.56 -8.71
C CYS A 47 7.45 23.17 -7.36
N THR A 48 8.66 23.70 -7.25
CA THR A 48 9.11 24.44 -6.01
C THR A 48 9.47 25.84 -6.49
N SER A 49 9.65 26.73 -5.48
CA SER A 49 9.93 28.11 -5.86
C SER A 49 11.20 28.22 -6.63
N ALA A 50 12.25 27.50 -6.24
CA ALA A 50 13.49 27.46 -6.97
C ALA A 50 13.67 26.23 -7.82
N PRO A 51 14.46 26.25 -8.83
CA PRO A 51 14.75 25.03 -9.58
C PRO A 51 15.41 24.03 -8.67
N ARG A 52 15.19 22.75 -8.92
CA ARG A 52 15.94 21.69 -8.20
C ARG A 52 16.44 20.64 -9.14
N ASP A 53 17.63 20.14 -8.84
CA ASP A 53 18.24 19.02 -9.58
C ASP A 53 17.61 17.64 -9.14
N GLY A 54 17.06 17.61 -7.93
CA GLY A 54 16.51 16.29 -7.43
C GLY A 54 17.61 15.42 -6.94
N ASN A 55 17.29 14.15 -6.69
CA ASN A 55 18.20 13.19 -6.10
C ASN A 55 19.16 12.59 -7.07
N PRO A 56 20.26 11.94 -6.56
CA PRO A 56 21.13 11.25 -7.39
C PRO A 56 20.50 10.07 -8.11
N GLU A 57 21.01 9.78 -9.29
CA GLU A 57 20.56 8.65 -10.11
C GLU A 57 21.33 7.37 -9.77
N PRO A 58 20.74 6.20 -9.90
CA PRO A 58 19.37 5.92 -10.43
C PRO A 58 18.33 6.27 -9.42
N ARG A 59 17.24 6.88 -9.89
CA ARG A 59 16.17 7.34 -9.01
C ARG A 59 14.76 6.91 -9.50
N TYR A 60 14.67 6.27 -10.66
CA TYR A 60 13.42 5.65 -11.15
C TYR A 60 13.77 4.39 -11.75
N MET A 61 13.02 3.29 -11.48
CA MET A 61 13.14 2.04 -12.22
C MET A 61 11.84 1.43 -12.44
N ALA A 62 11.65 0.80 -13.57
CA ALA A 62 10.37 0.11 -13.84
C ALA A 62 10.61 -1.34 -14.14
N PHE A 63 9.56 -2.15 -13.92
CA PHE A 63 9.51 -3.61 -13.91
C PHE A 63 8.18 -4.02 -14.40
N PRO A 64 8.02 -5.34 -14.66
CA PRO A 64 6.75 -5.71 -15.31
C PRO A 64 5.52 -5.33 -14.48
N LEU A 65 5.64 -5.31 -13.14
CA LEU A 65 4.47 -4.96 -12.31
C LEU A 65 4.36 -3.52 -11.89
N GLY A 66 5.38 -2.69 -12.25
CA GLY A 66 5.24 -1.25 -11.92
C GLY A 66 6.57 -0.62 -11.72
N SER A 67 6.59 0.44 -11.00
CA SER A 67 7.79 1.28 -10.91
C SER A 67 8.01 1.68 -9.47
N ILE A 68 9.26 2.10 -9.19
CA ILE A 68 9.70 2.70 -7.94
C ILE A 68 10.43 3.97 -8.25
N ASN A 69 10.19 4.97 -7.46
CA ASN A 69 10.95 6.25 -7.66
C ASN A 69 11.18 7.00 -6.38
N SER A 70 12.34 7.67 -6.35
N SER A 70 12.32 7.71 -6.33
CA SER A 70 12.66 8.71 -5.40
CA SER A 70 12.57 8.74 -5.33
C SER A 70 13.29 9.82 -6.15
C SER A 70 13.22 9.89 -6.04
N MET A 71 12.47 10.56 -6.91
CA MET A 71 13.03 11.56 -7.80
C MET A 71 13.62 12.66 -7.00
N GLY A 72 13.04 13.04 -5.87
CA GLY A 72 13.52 14.24 -5.14
C GLY A 72 13.02 15.53 -5.69
N LEU A 73 11.87 15.58 -6.35
CA LEU A 73 11.29 16.84 -6.83
C LEU A 73 12.23 17.59 -7.76
N PRO A 74 12.88 16.93 -8.68
CA PRO A 74 13.62 17.72 -9.75
C PRO A 74 12.61 18.51 -10.55
N ASN A 75 12.85 19.81 -10.71
CA ASN A 75 11.92 20.58 -11.51
C ASN A 75 12.59 21.90 -11.96
N LEU A 76 12.02 22.58 -12.96
CA LEU A 76 12.66 23.80 -13.48
C LEU A 76 12.31 25.03 -12.66
N GLY A 77 11.53 24.90 -11.63
CA GLY A 77 11.13 26.01 -10.76
C GLY A 77 9.86 26.66 -11.19
N PHE A 78 9.15 27.22 -10.21
CA PHE A 78 7.84 27.82 -10.48
C PHE A 78 7.83 28.86 -11.58
N ASP A 79 8.89 29.71 -11.65
CA ASP A 79 8.82 30.75 -12.70
C ASP A 79 8.67 30.15 -14.10
N PHE A 80 9.31 29.00 -14.36
CA PHE A 80 9.22 28.36 -15.64
C PHE A 80 7.83 27.82 -15.91
N TYR A 81 7.28 27.11 -14.89
CA TYR A 81 5.91 26.59 -15.14
C TYR A 81 4.83 27.63 -15.26
N LEU A 82 5.02 28.71 -14.51
CA LEU A 82 4.10 29.86 -14.66
C LEU A 82 4.23 30.51 -16.02
N LYS A 83 5.45 30.63 -16.50
CA LYS A 83 5.64 31.19 -17.83
C LYS A 83 5.03 30.30 -18.92
N TYR A 84 5.24 28.96 -18.73
CA TYR A 84 4.58 28.05 -19.66
C TYR A 84 3.04 28.27 -19.66
N ALA A 85 2.48 28.32 -18.46
CA ALA A 85 1.04 28.48 -18.40
C ALA A 85 0.58 29.87 -18.99
N SER A 86 1.37 30.92 -18.73
N SER A 86 1.37 30.94 -18.78
CA SER A 86 0.89 32.29 -19.02
CA SER A 86 0.89 32.30 -19.20
C SER A 86 1.24 32.65 -20.50
C SER A 86 1.16 32.53 -20.67
N ASP A 87 2.30 32.04 -21.14
CA ASP A 87 2.79 32.52 -22.45
C ASP A 87 2.90 31.42 -23.51
N LEU A 88 3.13 30.15 -23.12
CA LEU A 88 3.51 29.15 -24.08
C LEU A 88 2.43 28.13 -24.37
N HIS A 89 1.60 27.77 -23.40
CA HIS A 89 0.66 26.68 -23.65
C HIS A 89 -0.41 27.11 -24.61
N ASP A 90 -0.74 26.14 -25.47
CA ASP A 90 -1.82 26.40 -26.40
C ASP A 90 -3.17 25.82 -25.82
N TYR A 91 -3.94 26.68 -25.17
CA TYR A 91 -5.22 26.31 -24.55
C TYR A 91 -6.30 25.86 -25.58
N SER A 92 -6.07 26.13 -26.87
CA SER A 92 -6.98 25.65 -27.92
C SER A 92 -6.84 24.15 -27.99
N LYS A 93 -5.68 23.60 -27.59
CA LYS A 93 -5.46 22.19 -27.73
C LYS A 93 -6.05 21.38 -26.59
N LYS A 94 -5.87 21.78 -25.35
CA LYS A 94 -6.44 21.07 -24.19
C LYS A 94 -6.16 21.87 -22.97
N PRO A 95 -6.89 21.57 -21.88
CA PRO A 95 -6.63 22.24 -20.62
C PRO A 95 -5.31 21.83 -20.00
N LEU A 96 -4.75 22.77 -19.22
CA LEU A 96 -3.50 22.57 -18.49
C LEU A 96 -3.77 22.70 -17.03
N PHE A 97 -3.24 21.74 -16.26
CA PHE A 97 -3.08 21.79 -14.83
C PHE A 97 -1.66 22.05 -14.43
N LEU A 98 -1.45 22.89 -13.41
CA LEU A 98 -0.11 23.13 -12.88
C LEU A 98 -0.07 22.54 -11.48
N SER A 99 0.90 21.65 -11.22
CA SER A 99 1.09 21.00 -9.90
C SER A 99 2.13 21.79 -9.09
N ILE A 100 1.78 22.13 -7.85
N ILE A 100 1.78 22.04 -7.84
CA ILE A 100 2.78 22.79 -7.00
CA ILE A 100 2.61 22.83 -6.94
C ILE A 100 2.96 22.04 -5.73
C ILE A 100 3.01 21.91 -5.77
N SER A 101 4.25 21.90 -5.35
CA SER A 101 4.69 21.11 -4.15
C SER A 101 5.77 21.88 -3.41
N GLY A 102 5.40 23.04 -2.92
CA GLY A 102 6.46 23.82 -2.17
C GLY A 102 6.86 23.05 -0.89
N LEU A 103 8.08 23.32 -0.39
CA LEU A 103 8.62 22.61 0.81
C LEU A 103 8.02 23.19 2.13
N SER A 104 7.26 24.28 2.07
CA SER A 104 6.58 24.80 3.25
C SER A 104 5.25 25.39 2.92
N VAL A 105 4.43 25.69 3.92
CA VAL A 105 3.17 26.32 3.62
C VAL A 105 3.44 27.67 2.98
N GLU A 106 4.45 28.37 3.52
CA GLU A 106 4.65 29.75 3.01
C GLU A 106 5.07 29.80 1.56
N GLU A 107 5.82 28.77 1.18
CA GLU A 107 6.29 28.65 -0.25
C GLU A 107 5.10 28.39 -1.19
N ASN A 108 4.23 27.47 -0.76
CA ASN A 108 3.04 27.21 -1.46
C ASN A 108 2.15 28.42 -1.56
N VAL A 109 2.00 29.17 -0.40
CA VAL A 109 1.20 30.39 -0.44
C VAL A 109 1.75 31.43 -1.42
N ALA A 110 3.07 31.57 -1.43
CA ALA A 110 3.64 32.54 -2.33
C ALA A 110 3.44 32.18 -3.83
N MET A 111 3.50 30.87 -4.13
CA MET A 111 3.27 30.45 -5.50
C MET A 111 1.86 30.62 -5.94
N VAL A 112 0.92 30.21 -5.03
CA VAL A 112 -0.47 30.36 -5.41
C VAL A 112 -0.96 31.80 -5.64
N ARG A 113 -0.40 32.77 -4.90
N ARG A 113 -0.31 32.67 -4.84
CA ARG A 113 -0.84 34.20 -5.18
CA ARG A 113 -0.53 34.13 -4.92
C ARG A 113 -0.40 34.63 -6.55
C ARG A 113 -0.24 34.65 -6.32
N ARG A 114 0.81 34.12 -6.93
CA ARG A 114 1.29 34.43 -8.29
C ARG A 114 0.55 33.69 -9.39
N LEU A 115 0.04 32.45 -9.06
CA LEU A 115 -0.73 31.70 -10.07
C LEU A 115 -2.14 32.29 -10.33
N ALA A 116 -2.79 32.83 -9.23
CA ALA A 116 -4.17 33.31 -9.31
C ALA A 116 -4.53 34.12 -10.57
N PRO A 117 -3.76 35.24 -10.86
CA PRO A 117 -4.03 35.94 -12.04
C PRO A 117 -3.91 35.28 -13.35
N VAL A 118 -2.95 34.32 -13.42
CA VAL A 118 -2.86 33.54 -14.64
C VAL A 118 -3.98 32.48 -14.78
N ALA A 119 -4.38 31.92 -13.61
CA ALA A 119 -5.59 31.10 -13.53
C ALA A 119 -6.82 31.88 -14.05
N GLN A 120 -6.98 33.15 -13.59
CA GLN A 120 -8.12 33.97 -14.00
C GLN A 120 -8.07 34.33 -15.46
N GLU A 121 -6.87 34.64 -15.94
CA GLU A 121 -6.72 35.10 -17.30
C GLU A 121 -6.75 34.00 -18.43
N LYS A 122 -6.00 32.92 -18.13
CA LYS A 122 -5.78 31.82 -19.05
C LYS A 122 -6.58 30.52 -18.66
N GLY A 123 -7.05 30.37 -17.45
CA GLY A 123 -7.79 29.14 -17.05
C GLY A 123 -6.90 27.95 -16.70
N VAL A 124 -5.61 28.10 -16.51
CA VAL A 124 -4.81 27.04 -15.90
C VAL A 124 -5.43 26.63 -14.62
N LEU A 125 -5.37 25.32 -14.28
CA LEU A 125 -5.94 24.76 -13.10
C LEU A 125 -4.91 24.29 -12.13
N LEU A 126 -5.03 24.57 -10.87
CA LEU A 126 -4.09 24.14 -9.84
C LEU A 126 -4.38 22.74 -9.26
N GLU A 127 -3.31 21.93 -9.29
CA GLU A 127 -3.30 20.65 -8.53
C GLU A 127 -2.27 20.81 -7.44
N LEU A 128 -2.73 20.95 -6.15
CA LEU A 128 -1.82 21.10 -5.04
C LEU A 128 -1.37 19.75 -4.52
N ASN A 129 -0.07 19.49 -4.55
CA ASN A 129 0.46 18.16 -4.14
C ASN A 129 0.67 18.12 -2.65
N LEU A 130 -0.16 17.35 -1.95
CA LEU A 130 -0.18 17.26 -0.45
C LEU A 130 0.67 16.15 -0.01
N SER A 131 1.65 15.75 -0.83
CA SER A 131 2.94 14.98 -0.44
C SER A 131 4.29 15.93 -0.05
N CYS A 132 5.33 15.43 0.67
N CYS A 132 5.30 15.43 0.71
CA CYS A 132 6.46 16.29 1.24
CA CYS A 132 6.49 16.25 1.24
C CYS A 132 7.81 15.52 1.46
C CYS A 132 7.84 15.50 1.40
N PRO A 133 8.99 16.23 1.55
CA PRO A 133 10.21 15.44 1.98
C PRO A 133 10.01 14.79 3.38
N ASN A 134 10.78 13.72 3.65
CA ASN A 134 10.89 13.25 5.06
C ASN A 134 11.47 14.32 5.99
N VAL A 135 10.76 14.60 7.10
CA VAL A 135 11.25 15.51 8.15
C VAL A 135 11.23 14.64 9.41
N PRO A 136 12.42 14.23 9.90
CA PRO A 136 12.43 13.33 11.09
C PRO A 136 11.56 13.91 12.22
N GLY A 137 10.72 13.05 12.83
CA GLY A 137 9.85 13.43 13.90
C GLY A 137 8.49 13.90 13.41
N LYS A 138 8.30 13.99 12.06
CA LYS A 138 6.99 14.40 11.31
C LYS A 138 6.48 13.65 10.03
N PRO A 139 5.14 13.23 10.01
CA PRO A 139 4.61 12.56 8.79
C PRO A 139 4.35 13.53 7.64
N GLN A 140 4.22 13.06 6.37
N GLN A 140 4.25 13.05 6.43
CA GLN A 140 3.88 13.91 5.19
CA GLN A 140 3.72 13.74 5.34
C GLN A 140 2.56 14.56 5.59
C GLN A 140 2.49 14.57 5.69
N VAL A 141 2.36 15.75 5.04
CA VAL A 141 1.26 16.68 5.39
C VAL A 141 -0.06 15.91 5.31
N ALA A 142 -0.30 15.07 4.25
CA ALA A 142 -1.68 14.49 4.11
C ALA A 142 -1.90 13.36 5.08
N TYR A 143 -0.84 12.94 5.80
CA TYR A 143 -0.97 11.97 6.84
C TYR A 143 -0.93 12.62 8.24
N ASP A 144 -0.92 13.97 8.30
CA ASP A 144 -1.08 14.70 9.56
C ASP A 144 -2.35 15.58 9.33
N PHE A 145 -3.50 15.15 9.77
CA PHE A 145 -4.76 15.82 9.40
C PHE A 145 -4.84 17.22 9.92
N GLU A 146 -4.22 17.58 11.05
N GLU A 146 -4.25 17.46 11.09
CA GLU A 146 -4.30 19.03 11.44
CA GLU A 146 -4.25 18.83 11.58
C GLU A 146 -3.36 19.89 10.60
C GLU A 146 -3.43 19.76 10.72
N ALA A 147 -2.22 19.34 10.25
CA ALA A 147 -1.40 20.08 9.32
C ALA A 147 -2.10 20.29 7.97
N MET A 148 -2.78 19.22 7.48
CA MET A 148 -3.42 19.33 6.19
C MET A 148 -4.51 20.41 6.21
N ARG A 149 -5.31 20.41 7.27
CA ARG A 149 -6.32 21.45 7.42
C ARG A 149 -5.69 22.88 7.41
N THR A 150 -4.56 23.07 8.07
CA THR A 150 -3.77 24.37 7.85
C THR A 150 -3.36 24.76 6.47
N TYR A 151 -2.71 23.86 5.71
CA TYR A 151 -2.27 24.16 4.43
C TYR A 151 -3.44 24.59 3.73
N LEU A 152 -4.55 23.81 3.83
CA LEU A 152 -5.59 24.10 2.97
C LEU A 152 -6.31 25.38 3.32
N GLN A 153 -6.34 25.71 4.61
CA GLN A 153 -6.93 27.02 4.96
C GLN A 153 -6.07 28.13 4.38
N GLN A 154 -4.77 28.00 4.48
N GLN A 154 -4.76 27.95 4.54
CA GLN A 154 -3.97 29.13 3.93
CA GLN A 154 -3.73 28.93 4.03
C GLN A 154 -3.99 29.18 2.41
C GLN A 154 -3.72 29.09 2.52
N VAL A 155 -3.92 28.02 1.75
CA VAL A 155 -3.93 28.09 0.32
C VAL A 155 -5.25 28.62 -0.20
N SER A 156 -6.41 28.17 0.36
CA SER A 156 -7.70 28.63 -0.04
C SER A 156 -7.75 30.15 0.08
N LEU A 157 -7.23 30.66 1.19
CA LEU A 157 -7.28 32.13 1.41
C LEU A 157 -6.38 32.83 0.41
N ALA A 158 -5.18 32.32 0.22
CA ALA A 158 -4.21 32.99 -0.68
C ALA A 158 -4.61 32.94 -2.14
N TYR A 159 -5.23 31.81 -2.54
CA TYR A 159 -5.51 31.55 -3.93
C TYR A 159 -6.89 32.05 -4.34
N GLY A 160 -7.90 31.68 -3.53
CA GLY A 160 -9.20 32.25 -3.76
C GLY A 160 -10.01 31.79 -4.92
N LEU A 161 -9.53 30.71 -5.60
CA LEU A 161 -10.15 30.21 -6.79
C LEU A 161 -10.20 28.66 -6.67
N PRO A 162 -11.05 28.04 -7.46
CA PRO A 162 -11.22 26.51 -7.40
C PRO A 162 -9.86 25.89 -7.71
N PHE A 163 -9.56 24.84 -6.95
CA PHE A 163 -8.32 24.06 -7.15
C PHE A 163 -8.56 22.63 -6.76
N GLY A 164 -7.55 21.80 -7.00
CA GLY A 164 -7.67 20.38 -6.59
C GLY A 164 -6.44 20.02 -5.76
N VAL A 165 -6.50 18.83 -5.17
N VAL A 165 -6.55 18.86 -5.16
CA VAL A 165 -5.48 18.33 -4.24
CA VAL A 165 -5.48 18.35 -4.38
C VAL A 165 -5.08 16.86 -4.57
C VAL A 165 -5.08 16.94 -4.89
N LYS A 166 -3.79 16.65 -4.76
CA LYS A 166 -3.23 15.32 -5.05
C LYS A 166 -2.96 14.65 -3.69
N MET A 167 -3.65 13.48 -3.51
CA MET A 167 -3.59 12.80 -2.21
C MET A 167 -2.72 11.55 -2.25
N PRO A 168 -1.99 11.20 -1.16
CA PRO A 168 -1.42 9.91 -1.01
C PRO A 168 -2.53 8.89 -0.72
N PRO A 169 -2.26 7.61 -0.90
CA PRO A 169 -3.25 6.60 -0.52
C PRO A 169 -3.42 6.48 0.98
N TYR A 170 -4.64 6.14 1.39
CA TYR A 170 -4.87 5.71 2.79
C TYR A 170 -5.30 4.26 2.79
N PHE A 171 -5.21 3.64 3.96
CA PHE A 171 -5.37 2.20 4.07
C PHE A 171 -6.27 1.81 5.21
N ASP A 172 -6.95 2.81 5.76
CA ASP A 172 -7.75 2.58 7.00
C ASP A 172 -9.00 3.39 6.90
N ILE A 173 -10.18 2.80 7.16
CA ILE A 173 -11.44 3.54 6.94
C ILE A 173 -11.61 4.74 7.79
N ALA A 174 -11.05 4.69 9.01
CA ALA A 174 -11.07 5.92 9.88
C ALA A 174 -10.29 7.02 9.26
N HIS A 175 -9.20 6.67 8.54
CA HIS A 175 -8.43 7.73 7.87
C HIS A 175 -9.18 8.27 6.66
N PHE A 176 -9.88 7.43 5.88
CA PHE A 176 -10.73 7.97 4.81
C PHE A 176 -11.77 8.94 5.37
N ASP A 177 -12.38 8.54 6.51
CA ASP A 177 -13.41 9.44 7.07
C ASP A 177 -12.78 10.76 7.50
N THR A 178 -11.65 10.72 8.17
CA THR A 178 -11.04 11.98 8.67
C THR A 178 -10.53 12.82 7.52
N ALA A 179 -9.86 12.16 6.55
CA ALA A 179 -9.28 12.97 5.43
C ALA A 179 -10.37 13.60 4.59
N ALA A 180 -11.49 12.88 4.29
CA ALA A 180 -12.51 13.44 3.48
C ALA A 180 -13.23 14.59 4.24
N ALA A 181 -13.40 14.42 5.54
CA ALA A 181 -13.99 15.52 6.31
C ALA A 181 -13.14 16.74 6.27
N VAL A 182 -11.83 16.61 6.38
CA VAL A 182 -10.97 17.80 6.20
C VAL A 182 -11.24 18.42 4.83
N LEU A 183 -11.18 17.62 3.75
CA LEU A 183 -11.35 18.23 2.46
C LEU A 183 -12.64 18.87 2.26
N ASN A 184 -13.71 18.32 2.88
CA ASN A 184 -15.05 18.88 2.70
C ASN A 184 -15.23 20.21 3.50
N GLU A 185 -14.26 20.57 4.33
CA GLU A 185 -14.32 21.94 4.99
C GLU A 185 -13.96 22.99 3.94
N PHE A 186 -13.40 22.64 2.77
CA PHE A 186 -12.90 23.67 1.84
C PHE A 186 -13.70 23.68 0.55
N PRO A 187 -14.64 24.59 0.30
CA PRO A 187 -15.43 24.61 -0.83
C PRO A 187 -14.65 24.90 -2.14
N LEU A 188 -13.46 25.53 -1.96
CA LEU A 188 -12.64 25.78 -3.16
C LEU A 188 -11.95 24.53 -3.69
N VAL A 189 -11.88 23.48 -2.87
CA VAL A 189 -11.29 22.19 -3.31
C VAL A 189 -12.31 21.51 -4.15
N LYS A 190 -12.22 21.59 -5.45
CA LYS A 190 -13.23 21.08 -6.35
C LYS A 190 -12.89 19.70 -6.97
N PHE A 191 -11.64 19.31 -6.85
CA PHE A 191 -11.27 17.92 -7.22
C PHE A 191 -10.25 17.42 -6.30
N VAL A 192 -10.26 16.07 -6.23
CA VAL A 192 -9.36 15.30 -5.39
C VAL A 192 -8.73 14.25 -6.30
N THR A 193 -7.44 14.23 -6.41
CA THR A 193 -6.75 13.22 -7.23
C THR A 193 -6.20 12.13 -6.32
N CYS A 194 -6.73 10.91 -6.58
CA CYS A 194 -6.37 9.73 -5.78
C CYS A 194 -5.81 8.73 -6.77
N VAL A 195 -4.53 8.34 -6.75
CA VAL A 195 -3.57 8.57 -5.65
C VAL A 195 -2.20 8.90 -6.22
N ASN A 196 -1.41 9.48 -5.32
CA ASN A 196 0.08 9.49 -5.50
C ASN A 196 0.62 8.08 -5.27
N SER A 197 1.94 7.97 -5.43
CA SER A 197 2.56 6.65 -5.29
C SER A 197 2.36 6.10 -3.91
N VAL A 198 2.36 4.79 -3.87
CA VAL A 198 2.30 4.06 -2.53
C VAL A 198 3.64 4.20 -1.87
N GLY A 199 3.71 4.87 -0.76
CA GLY A 199 4.97 5.37 -0.24
C GLY A 199 5.91 4.29 0.24
N ASN A 200 7.21 4.54 -0.02
CA ASN A 200 8.32 3.83 0.66
C ASN A 200 8.21 2.31 0.54
N GLY A 201 8.01 1.84 -0.68
CA GLY A 201 8.32 0.45 -1.01
C GLY A 201 9.77 0.22 -1.22
N LEU A 202 10.14 -1.02 -1.46
CA LEU A 202 11.57 -1.40 -1.62
C LEU A 202 11.67 -2.49 -2.59
N VAL A 203 12.27 -2.21 -3.75
CA VAL A 203 12.57 -3.25 -4.76
C VAL A 203 14.01 -3.72 -4.66
N ILE A 204 14.18 -5.03 -4.63
CA ILE A 204 15.52 -5.59 -4.52
C ILE A 204 15.72 -6.50 -5.72
N ASP A 205 16.91 -6.39 -6.31
CA ASP A 205 17.28 -7.30 -7.43
C ASP A 205 18.00 -8.54 -6.86
N ALA A 206 17.46 -9.72 -7.15
CA ALA A 206 18.08 -10.94 -6.62
C ALA A 206 19.45 -11.22 -7.11
N GLU A 207 19.72 -11.05 -8.40
N GLU A 207 19.67 -11.01 -8.39
CA GLU A 207 21.10 -11.37 -8.85
CA GLU A 207 20.99 -11.28 -8.99
C GLU A 207 22.17 -10.50 -8.23
C GLU A 207 22.11 -10.50 -8.31
N SER A 208 21.92 -9.19 -8.18
CA SER A 208 22.96 -8.33 -7.66
C SER A 208 22.88 -8.21 -6.13
N GLU A 209 21.74 -8.64 -5.57
CA GLU A 209 21.48 -8.53 -4.08
C GLU A 209 21.43 -7.12 -3.63
N SER A 210 21.00 -6.24 -4.52
N SER A 210 20.99 -6.24 -4.51
CA SER A 210 21.04 -4.80 -4.36
CA SER A 210 21.01 -4.80 -4.30
C SER A 210 19.70 -4.15 -4.53
C SER A 210 19.68 -4.16 -4.51
N VAL A 211 19.42 -3.09 -3.76
CA VAL A 211 18.35 -2.21 -4.09
C VAL A 211 18.56 -1.58 -5.47
N VAL A 212 17.51 -1.04 -6.10
CA VAL A 212 17.62 -0.59 -7.51
C VAL A 212 17.59 0.88 -7.65
N ILE A 213 17.27 1.66 -6.62
CA ILE A 213 17.46 3.14 -6.71
C ILE A 213 18.42 3.54 -5.62
N LYS A 214 19.17 4.63 -5.89
CA LYS A 214 20.20 5.11 -5.01
C LYS A 214 19.73 5.88 -3.81
N PRO A 215 18.77 6.83 -3.97
CA PRO A 215 18.32 7.53 -2.78
C PRO A 215 17.67 6.72 -1.69
N LYS A 216 17.70 7.19 -0.45
CA LYS A 216 16.87 6.63 0.64
C LYS A 216 17.12 5.14 0.81
N GLN A 217 18.32 4.64 0.59
CA GLN A 217 18.70 3.24 0.80
C GLN A 217 17.74 2.35 -0.02
N GLY A 218 17.27 2.85 -1.18
CA GLY A 218 16.45 2.05 -2.10
C GLY A 218 14.93 2.22 -1.92
N PHE A 219 14.52 2.92 -0.90
CA PHE A 219 13.05 3.07 -0.62
C PHE A 219 12.52 4.13 -1.54
N GLY A 220 11.31 3.92 -2.08
CA GLY A 220 10.69 4.90 -2.99
C GLY A 220 9.25 4.60 -3.21
N GLY A 221 8.56 5.51 -3.86
CA GLY A 221 7.11 5.38 -4.05
C GLY A 221 6.87 4.43 -5.19
N LEU A 222 5.83 3.59 -5.01
CA LEU A 222 5.44 2.57 -5.99
C LEU A 222 4.27 3.07 -6.86
N GLY A 223 4.43 2.76 -8.14
CA GLY A 223 3.35 2.92 -9.07
C GLY A 223 3.11 1.75 -9.94
N GLY A 224 2.05 1.75 -10.78
CA GLY A 224 1.83 0.70 -11.74
C GLY A 224 0.89 -0.40 -11.27
N LYS A 225 1.16 -1.62 -11.77
N LYS A 225 1.16 -1.61 -11.77
CA LYS A 225 0.19 -2.67 -11.49
CA LYS A 225 0.18 -2.64 -11.47
C LYS A 225 0.09 -2.99 -10.00
C LYS A 225 0.09 -2.99 -10.00
N TYR A 226 1.16 -2.82 -9.24
CA TYR A 226 1.13 -3.06 -7.83
C TYR A 226 -0.05 -2.35 -7.17
N ILE A 227 -0.42 -1.13 -7.64
CA ILE A 227 -1.23 -0.25 -6.83
C ILE A 227 -2.61 -0.06 -7.30
N LEU A 228 -3.04 -0.81 -8.36
CA LEU A 228 -4.41 -0.55 -8.89
C LEU A 228 -5.51 -0.78 -7.82
N PRO A 229 -5.51 -1.87 -7.07
CA PRO A 229 -6.64 -1.97 -6.13
C PRO A 229 -6.61 -0.93 -5.03
N THR A 230 -5.42 -0.49 -4.61
CA THR A 230 -5.30 0.62 -3.67
C THR A 230 -5.87 1.90 -4.24
N ALA A 231 -5.49 2.18 -5.49
CA ALA A 231 -5.99 3.40 -6.16
C ALA A 231 -7.50 3.36 -6.32
N LEU A 232 -8.07 2.23 -6.74
CA LEU A 232 -9.51 2.14 -6.91
C LEU A 232 -10.21 2.33 -5.58
N ALA A 233 -9.69 1.78 -4.51
CA ALA A 233 -10.32 1.96 -3.19
C ALA A 233 -10.31 3.42 -2.76
N ASN A 234 -9.18 4.11 -3.00
CA ASN A 234 -9.18 5.50 -2.66
C ASN A 234 -10.10 6.39 -3.51
N VAL A 235 -10.10 6.11 -4.82
CA VAL A 235 -11.03 6.83 -5.69
C VAL A 235 -12.46 6.61 -5.15
N ASN A 236 -12.85 5.37 -4.87
CA ASN A 236 -14.27 5.13 -4.50
C ASN A 236 -14.53 5.67 -3.11
N ALA A 237 -13.57 5.60 -2.17
CA ALA A 237 -13.82 6.08 -0.84
C ALA A 237 -14.03 7.59 -0.83
N PHE A 238 -13.24 8.34 -1.60
CA PHE A 238 -13.46 9.78 -1.69
C PHE A 238 -14.64 10.12 -2.56
N TYR A 239 -14.95 9.36 -3.59
CA TYR A 239 -16.17 9.57 -4.40
C TYR A 239 -17.38 9.50 -3.48
N ARG A 240 -17.41 8.50 -2.61
CA ARG A 240 -18.61 8.32 -1.71
C ARG A 240 -18.62 9.47 -0.67
N ARG A 241 -17.47 9.89 -0.19
CA ARG A 241 -17.41 10.87 0.94
C ARG A 241 -17.52 12.29 0.49
N CYS A 242 -17.22 12.58 -0.77
CA CYS A 242 -17.12 13.99 -1.25
C CYS A 242 -18.05 14.18 -2.41
N PRO A 243 -19.38 14.11 -2.23
CA PRO A 243 -20.37 14.20 -3.28
C PRO A 243 -20.36 15.52 -3.98
N ASP A 244 -19.85 16.58 -3.37
CA ASP A 244 -19.82 17.86 -4.03
C ASP A 244 -18.50 18.20 -4.66
N LYS A 245 -17.59 17.21 -4.76
CA LYS A 245 -16.31 17.40 -5.48
C LYS A 245 -16.22 16.38 -6.62
N LEU A 246 -15.26 16.60 -7.51
CA LEU A 246 -14.87 15.57 -8.49
C LEU A 246 -13.69 14.79 -7.91
N VAL A 247 -13.57 13.51 -8.34
CA VAL A 247 -12.42 12.71 -7.98
C VAL A 247 -11.72 12.37 -9.32
N PHE A 248 -10.42 12.57 -9.32
CA PHE A 248 -9.60 12.15 -10.46
C PHE A 248 -8.87 10.88 -10.06
N GLY A 249 -8.92 9.85 -10.92
CA GLY A 249 -8.24 8.62 -10.58
C GLY A 249 -6.86 8.56 -11.11
N CYS A 250 -5.92 8.04 -10.31
CA CYS A 250 -4.54 7.83 -10.77
C CYS A 250 -4.03 6.59 -10.07
N GLY A 251 -3.43 5.68 -10.81
CA GLY A 251 -2.77 4.54 -10.18
C GLY A 251 -3.06 3.30 -10.97
N GLY A 252 -2.05 2.70 -11.56
CA GLY A 252 -2.28 1.39 -12.15
C GLY A 252 -3.01 1.34 -13.44
N VAL A 253 -3.10 2.45 -14.15
CA VAL A 253 -3.84 2.41 -15.47
C VAL A 253 -2.85 2.05 -16.60
N TYR A 254 -3.06 0.89 -17.19
CA TYR A 254 -2.28 0.49 -18.41
C TYR A 254 -3.21 0.23 -19.54
N SER A 255 -4.50 0.18 -19.38
CA SER A 255 -5.44 -0.25 -20.45
C SER A 255 -6.69 0.48 -20.29
N GLY A 256 -7.52 0.46 -21.35
CA GLY A 256 -8.86 1.02 -21.27
C GLY A 256 -9.70 0.28 -20.24
N GLU A 257 -9.52 -0.98 -20.01
CA GLU A 257 -10.19 -1.69 -18.93
C GLU A 257 -9.84 -1.09 -17.58
N ASP A 258 -8.57 -0.79 -17.34
CA ASP A 258 -8.19 -0.23 -16.07
C ASP A 258 -8.80 1.14 -15.90
N ALA A 259 -8.89 1.94 -16.94
CA ALA A 259 -9.54 3.25 -16.92
C ALA A 259 -11.06 3.07 -16.65
N PHE A 260 -11.67 2.06 -17.28
CA PHE A 260 -13.10 1.79 -17.02
C PHE A 260 -13.33 1.51 -15.56
N LEU A 261 -12.43 0.75 -14.92
CA LEU A 261 -12.58 0.46 -13.50
C LEU A 261 -12.47 1.73 -12.67
N HIS A 262 -11.49 2.62 -12.98
CA HIS A 262 -11.39 3.85 -12.24
C HIS A 262 -12.65 4.67 -12.36
N ILE A 263 -13.22 4.71 -13.59
CA ILE A 263 -14.43 5.50 -13.80
C ILE A 263 -15.63 4.83 -13.02
N LEU A 264 -15.77 3.51 -13.09
CA LEU A 264 -16.80 2.82 -12.30
C LEU A 264 -16.65 3.20 -10.83
N ALA A 265 -15.40 3.34 -10.33
CA ALA A 265 -15.18 3.64 -8.93
C ALA A 265 -15.50 5.09 -8.60
N GLY A 266 -15.64 5.93 -9.64
CA GLY A 266 -15.96 7.38 -9.45
C GLY A 266 -15.08 8.34 -10.20
N ALA A 267 -14.03 7.94 -10.90
CA ALA A 267 -13.15 8.95 -11.53
C ALA A 267 -13.80 9.77 -12.65
N SER A 268 -13.53 11.09 -12.63
CA SER A 268 -13.88 11.99 -13.72
C SER A 268 -12.71 12.03 -14.68
N MET A 269 -11.52 12.43 -14.34
CA MET A 269 -10.37 12.27 -15.21
C MET A 269 -9.63 11.04 -14.70
N VAL A 270 -8.82 10.51 -15.61
CA VAL A 270 -8.00 9.32 -15.34
C VAL A 270 -6.57 9.66 -15.74
N GLN A 271 -5.67 9.62 -14.78
CA GLN A 271 -4.25 10.00 -15.00
C GLN A 271 -3.40 8.75 -15.16
N VAL A 272 -2.34 8.89 -15.96
CA VAL A 272 -1.49 7.70 -16.36
C VAL A 272 -0.07 8.12 -16.07
N GLY A 273 0.58 7.37 -15.15
CA GLY A 273 1.93 7.65 -14.73
C GLY A 273 2.91 6.64 -15.30
N THR A 274 3.14 5.53 -14.54
CA THR A 274 4.11 4.47 -14.89
C THR A 274 3.89 4.03 -16.34
N ALA A 275 2.63 3.68 -16.71
CA ALA A 275 2.47 3.15 -18.03
C ALA A 275 2.83 4.13 -19.15
N LEU A 276 2.62 5.42 -18.91
CA LEU A 276 3.00 6.45 -19.82
C LEU A 276 4.54 6.64 -19.88
N GLN A 277 5.14 6.56 -18.73
CA GLN A 277 6.63 6.62 -18.68
C GLN A 277 7.19 5.45 -19.50
N GLU A 278 6.56 4.28 -19.45
CA GLU A 278 7.15 3.11 -20.08
C GLU A 278 6.80 3.04 -21.53
N GLU A 279 5.58 3.39 -21.92
CA GLU A 279 5.12 3.27 -23.31
C GLU A 279 5.25 4.48 -24.16
N GLY A 280 5.21 5.64 -23.56
CA GLY A 280 5.27 6.89 -24.28
C GLY A 280 3.85 7.35 -24.62
N PRO A 281 3.71 8.51 -25.20
CA PRO A 281 2.45 9.18 -25.36
C PRO A 281 1.50 8.58 -26.37
N GLY A 282 2.01 7.64 -27.19
CA GLY A 282 1.13 6.85 -28.01
C GLY A 282 0.05 6.12 -27.16
N ILE A 283 0.37 5.85 -25.87
CA ILE A 283 -0.57 5.12 -25.04
C ILE A 283 -1.92 5.78 -25.07
N PHE A 284 -2.01 7.11 -25.25
CA PHE A 284 -3.33 7.75 -25.13
C PHE A 284 -4.27 7.34 -26.25
N THR A 285 -3.77 7.07 -27.45
CA THR A 285 -4.74 6.66 -28.48
C THR A 285 -5.22 5.28 -28.15
N ARG A 286 -4.35 4.41 -27.69
CA ARG A 286 -4.70 3.04 -27.30
C ARG A 286 -5.69 3.03 -26.16
N LEU A 287 -5.46 3.81 -25.11
CA LEU A 287 -6.46 3.86 -24.00
C LEU A 287 -7.80 4.34 -24.47
N GLU A 288 -7.84 5.36 -25.28
CA GLU A 288 -9.14 5.82 -25.79
C GLU A 288 -9.81 4.76 -26.65
N ASP A 289 -9.10 4.11 -27.53
CA ASP A 289 -9.74 3.10 -28.36
C ASP A 289 -10.25 2.00 -27.47
N GLU A 290 -9.48 1.55 -26.49
CA GLU A 290 -9.84 0.42 -25.65
C GLU A 290 -11.03 0.76 -24.77
N LEU A 291 -11.09 1.96 -24.24
CA LEU A 291 -12.23 2.36 -23.41
C LEU A 291 -13.48 2.41 -24.28
N LEU A 292 -13.40 3.02 -25.49
CA LEU A 292 -14.60 3.08 -26.37
C LEU A 292 -14.99 1.69 -26.74
N GLU A 293 -14.12 0.72 -26.90
CA GLU A 293 -14.51 -0.64 -27.26
C GLU A 293 -15.29 -1.30 -26.09
N ILE A 294 -14.85 -1.15 -24.86
CA ILE A 294 -15.52 -1.74 -23.71
C ILE A 294 -16.86 -1.08 -23.58
N MET A 295 -16.95 0.25 -23.75
CA MET A 295 -18.26 0.93 -23.69
C MET A 295 -19.18 0.37 -24.76
N ALA A 296 -18.68 0.22 -25.99
CA ALA A 296 -19.58 -0.24 -27.11
C ALA A 296 -20.09 -1.61 -26.75
N ARG A 297 -19.25 -2.48 -26.24
CA ARG A 297 -19.63 -3.89 -25.99
C ARG A 297 -20.70 -3.89 -24.91
N LYS A 298 -20.67 -2.99 -23.95
CA LYS A 298 -21.63 -2.92 -22.88
C LYS A 298 -22.86 -2.06 -23.22
N GLY A 299 -22.85 -1.33 -24.32
CA GLY A 299 -24.00 -0.48 -24.61
C GLY A 299 -23.93 0.88 -23.97
N TYR A 300 -22.79 1.32 -23.39
CA TYR A 300 -22.70 2.67 -22.82
C TYR A 300 -22.32 3.66 -23.90
N ARG A 301 -23.03 4.76 -23.92
CA ARG A 301 -22.77 5.82 -24.86
C ARG A 301 -22.06 6.99 -24.15
N THR A 302 -22.09 7.08 -22.82
CA THR A 302 -21.48 8.21 -22.12
C THR A 302 -20.74 7.69 -20.88
N LEU A 303 -19.77 8.48 -20.42
CA LEU A 303 -19.11 8.18 -19.15
C LEU A 303 -20.05 8.33 -18.00
N GLU A 304 -20.97 9.33 -18.10
CA GLU A 304 -21.89 9.51 -17.01
C GLU A 304 -22.78 8.30 -16.72
N GLU A 305 -23.08 7.51 -17.71
CA GLU A 305 -23.91 6.34 -17.56
C GLU A 305 -23.30 5.36 -16.54
N PHE A 306 -21.96 5.31 -16.38
CA PHE A 306 -21.41 4.32 -15.44
C PHE A 306 -20.45 4.90 -14.45
N ARG A 307 -20.16 6.22 -14.44
CA ARG A 307 -19.21 6.75 -13.44
C ARG A 307 -19.79 6.53 -12.03
N GLY A 308 -18.98 5.98 -11.13
CA GLY A 308 -19.37 5.76 -9.76
C GLY A 308 -20.37 4.62 -9.58
N ARG A 309 -20.68 3.91 -10.61
CA ARG A 309 -21.76 2.88 -10.57
C ARG A 309 -21.28 1.50 -10.29
N VAL A 310 -20.07 1.39 -9.73
CA VAL A 310 -19.63 0.04 -9.29
C VAL A 310 -20.71 -0.55 -8.41
N LYS A 311 -20.95 -1.82 -8.64
CA LYS A 311 -22.00 -2.54 -7.88
C LYS A 311 -21.37 -3.23 -6.64
N THR A 312 -22.08 -3.22 -5.53
CA THR A 312 -21.71 -3.94 -4.33
C THR A 312 -22.58 -5.20 -4.25
N ILE A 313 -22.14 -6.15 -3.42
CA ILE A 313 -22.90 -7.43 -3.34
C ILE A 313 -23.85 -7.33 -2.11
N GLU A 314 -25.13 -7.62 -2.46
N GLU A 314 -25.15 -7.56 -2.36
CA GLU A 314 -26.36 -7.93 -1.63
CA GLU A 314 -26.18 -7.41 -1.33
C GLU A 314 -27.39 -6.84 -1.35
C GLU A 314 -26.49 -8.72 -0.60
N SER B 1 28.18 -28.23 2.60
CA SER B 1 26.79 -28.70 2.27
C SER B 1 25.87 -27.50 2.60
N MET B 2 24.83 -27.22 1.80
CA MET B 2 23.97 -26.09 2.13
C MET B 2 22.90 -26.53 3.14
N CYS B 3 22.41 -25.53 3.86
CA CYS B 3 21.49 -25.75 4.91
C CYS B 3 20.47 -24.62 5.08
N LEU B 4 19.16 -25.00 5.24
CA LEU B 4 18.12 -24.00 5.50
C LEU B 4 17.78 -23.90 6.96
N LYS B 5 18.50 -24.61 7.86
CA LYS B 5 18.16 -24.69 9.30
C LYS B 5 18.34 -23.38 9.94
N LEU B 6 17.46 -23.08 10.89
CA LEU B 6 17.58 -21.88 11.77
C LEU B 6 17.42 -22.30 13.25
N ASN B 7 18.01 -21.57 14.19
N ASN B 7 18.04 -21.58 14.19
CA ASN B 7 17.86 -21.82 15.62
CA ASN B 7 17.84 -21.82 15.62
C ASN B 7 17.57 -20.45 16.16
C ASN B 7 17.57 -20.45 16.15
N LEU B 8 16.33 -20.21 16.55
CA LEU B 8 15.91 -18.92 17.08
C LEU B 8 14.82 -19.05 18.08
N LEU B 9 14.73 -18.09 19.00
CA LEU B 9 13.66 -18.15 20.03
C LEU B 9 13.72 -19.48 20.80
N ASP B 10 14.91 -20.05 20.97
N ASP B 10 14.95 -19.98 20.98
CA ASP B 10 15.01 -21.33 21.75
CA ASP B 10 15.20 -21.25 21.69
C ASP B 10 14.42 -22.54 21.05
C ASP B 10 14.33 -22.40 21.11
N HIS B 11 14.18 -22.38 19.74
CA HIS B 11 13.66 -23.52 18.93
C HIS B 11 14.51 -23.75 17.73
N VAL B 12 14.35 -24.92 17.12
CA VAL B 12 15.09 -25.31 15.95
C VAL B 12 14.03 -25.49 14.85
N PHE B 13 14.39 -24.92 13.69
CA PHE B 13 13.50 -24.91 12.53
C PHE B 13 14.25 -25.57 11.40
N ALA B 14 13.60 -26.51 10.70
CA ALA B 14 14.25 -27.17 9.53
C ALA B 14 14.52 -26.22 8.39
N ASN B 15 13.69 -25.18 8.25
CA ASN B 15 13.80 -24.21 7.17
C ASN B 15 12.95 -23.02 7.64
N PRO B 16 13.06 -21.91 6.94
CA PRO B 16 12.42 -20.64 7.40
C PRO B 16 10.96 -20.55 7.06
N PHE B 17 10.40 -21.50 6.37
CA PHE B 17 9.03 -21.27 5.80
C PHE B 17 7.99 -21.71 6.73
N MET B 18 6.90 -20.92 6.74
CA MET B 18 5.70 -21.25 7.54
C MET B 18 4.49 -20.64 6.82
N ASN B 19 3.29 -21.07 7.22
CA ASN B 19 2.11 -20.31 6.73
C ASN B 19 2.05 -18.96 7.31
N ALA B 20 1.36 -18.04 6.66
CA ALA B 20 0.93 -16.79 7.26
C ALA B 20 -0.34 -17.02 8.08
N ALA B 21 -0.48 -16.35 9.22
CA ALA B 21 -1.66 -16.56 9.99
C ALA B 21 -2.89 -16.30 9.14
N GLY B 22 -3.88 -17.17 9.41
CA GLY B 22 -5.10 -17.17 8.69
C GLY B 22 -5.21 -18.12 7.53
N VAL B 23 -4.12 -18.52 6.95
CA VAL B 23 -4.16 -19.39 5.78
C VAL B 23 -3.82 -20.81 6.25
N LEU B 24 -4.70 -21.78 5.95
CA LEU B 24 -4.50 -23.22 6.28
C LEU B 24 -4.20 -23.46 7.74
N CYS B 25 -5.05 -22.90 8.62
CA CYS B 25 -4.75 -22.98 10.04
C CYS B 25 -5.88 -22.72 10.94
N SER B 26 -7.14 -22.86 10.48
CA SER B 26 -8.32 -22.53 11.33
C SER B 26 -8.83 -23.71 12.05
N THR B 27 -8.84 -24.88 11.43
CA THR B 27 -9.42 -26.10 12.04
C THR B 27 -8.34 -27.05 12.46
N GLU B 28 -8.66 -28.11 13.24
CA GLU B 28 -7.68 -29.11 13.57
C GLU B 28 -7.19 -29.77 12.25
N GLU B 29 -8.08 -30.03 11.29
CA GLU B 29 -7.63 -30.60 10.03
C GLU B 29 -6.56 -29.68 9.37
N ASP B 30 -6.81 -28.40 9.37
CA ASP B 30 -5.82 -27.49 8.76
C ASP B 30 -4.47 -27.55 9.45
N LEU B 31 -4.49 -27.54 10.80
CA LEU B 31 -3.25 -27.56 11.60
C LEU B 31 -2.53 -28.85 11.39
N ARG B 32 -3.26 -29.97 11.34
N ARG B 32 -3.27 -29.97 11.35
CA ARG B 32 -2.56 -31.25 11.08
CA ARG B 32 -2.60 -31.26 11.07
C ARG B 32 -1.97 -31.26 9.67
C ARG B 32 -1.98 -31.24 9.68
N CYS B 33 -2.65 -30.64 8.71
CA CYS B 33 -2.12 -30.57 7.33
C CYS B 33 -0.84 -29.72 7.29
N MET B 34 -0.87 -28.55 7.94
CA MET B 34 0.36 -27.77 8.01
C MET B 34 1.44 -28.53 8.71
N THR B 35 1.13 -29.29 9.76
CA THR B 35 2.17 -30.01 10.49
C THR B 35 2.75 -31.07 9.57
N ALA B 36 1.90 -31.75 8.76
CA ALA B 36 2.40 -32.80 7.87
C ALA B 36 3.23 -32.25 6.70
N SER B 37 3.09 -30.99 6.38
CA SER B 37 3.81 -30.38 5.26
C SER B 37 5.33 -30.24 5.59
N SER B 38 6.05 -29.79 4.58
N SER B 38 6.03 -29.78 4.57
CA SER B 38 7.47 -29.59 4.73
CA SER B 38 7.45 -29.56 4.69
C SER B 38 7.80 -28.27 5.39
C SER B 38 7.79 -28.21 5.28
N SER B 39 6.83 -27.43 5.75
CA SER B 39 7.19 -26.13 6.37
C SER B 39 8.03 -26.32 7.57
N GLY B 40 8.80 -25.28 7.89
CA GLY B 40 9.61 -25.28 9.12
C GLY B 40 8.82 -24.99 10.38
N ALA B 41 7.67 -24.32 10.25
CA ALA B 41 6.79 -24.06 11.40
C ALA B 41 5.43 -23.85 10.92
N LEU B 42 4.51 -23.62 11.86
CA LEU B 42 3.12 -23.20 11.48
C LEU B 42 2.61 -22.22 12.51
N VAL B 43 1.64 -21.43 12.12
CA VAL B 43 0.92 -20.49 13.08
C VAL B 43 -0.56 -20.74 12.89
N SER B 44 -1.25 -20.67 14.02
CA SER B 44 -2.72 -20.81 13.99
C SER B 44 -3.46 -19.58 13.54
N LYS B 45 -4.70 -19.72 13.16
CA LYS B 45 -5.59 -18.59 12.85
C LYS B 45 -5.70 -17.64 13.99
N SER B 46 -5.61 -16.36 13.71
CA SER B 46 -5.82 -15.37 14.83
C SER B 46 -7.16 -15.69 15.53
N CYS B 47 -7.08 -15.76 16.89
CA CYS B 47 -8.30 -16.11 17.61
C CYS B 47 -8.78 -15.02 18.55
N THR B 48 -10.06 -15.25 18.91
CA THR B 48 -10.74 -14.37 19.89
C THR B 48 -11.17 -15.28 21.00
N SER B 49 -11.65 -14.64 22.07
N SER B 49 -11.63 -14.72 22.14
CA SER B 49 -12.05 -15.44 23.23
CA SER B 49 -11.99 -15.68 23.25
C SER B 49 -13.16 -16.40 22.91
C SER B 49 -13.20 -16.53 22.83
N ALA B 50 -14.14 -15.89 22.18
CA ALA B 50 -15.30 -16.67 21.77
C ALA B 50 -15.20 -17.07 20.27
N PRO B 51 -15.74 -18.21 19.89
CA PRO B 51 -15.76 -18.54 18.42
C PRO B 51 -16.48 -17.48 17.66
N ARG B 52 -16.05 -17.31 16.36
CA ARG B 52 -16.71 -16.37 15.44
C ARG B 52 -16.97 -17.03 14.14
N ASP B 53 -18.13 -16.71 13.51
CA ASP B 53 -18.42 -17.17 12.15
C ASP B 53 -17.72 -16.31 11.10
N GLY B 54 -17.37 -15.10 11.46
CA GLY B 54 -16.78 -14.18 10.45
C GLY B 54 -17.87 -13.58 9.60
N ASN B 55 -17.39 -12.91 8.55
CA ASN B 55 -18.28 -12.10 7.68
C ASN B 55 -18.96 -12.98 6.65
N PRO B 56 -20.05 -12.45 6.02
CA PRO B 56 -20.71 -13.18 4.96
C PRO B 56 -19.81 -13.39 3.73
N GLU B 57 -20.06 -14.44 3.00
CA GLU B 57 -19.31 -14.83 1.79
C GLU B 57 -19.99 -14.18 0.57
N PRO B 58 -19.23 -13.89 -0.48
CA PRO B 58 -17.80 -14.16 -0.62
C PRO B 58 -16.97 -13.11 0.13
N ARG B 59 -15.92 -13.66 0.75
CA ARG B 59 -15.08 -12.81 1.66
C ARG B 59 -13.58 -12.95 1.35
N TYR B 60 -13.21 -13.84 0.46
CA TYR B 60 -11.86 -13.98 -0.08
C TYR B 60 -11.94 -14.25 -1.53
N MET B 61 -11.10 -13.54 -2.32
CA MET B 61 -10.95 -13.84 -3.73
C MET B 61 -9.52 -13.71 -4.15
N ALA B 62 -9.06 -14.55 -5.04
CA ALA B 62 -7.72 -14.42 -5.61
C ALA B 62 -7.67 -14.31 -7.08
N PHE B 63 -6.59 -13.69 -7.56
CA PHE B 63 -6.40 -13.32 -8.99
C PHE B 63 -4.91 -13.45 -9.26
N PRO B 64 -4.53 -13.31 -10.53
CA PRO B 64 -3.14 -13.55 -10.89
C PRO B 64 -2.15 -12.73 -10.07
N LEU B 65 -2.54 -11.53 -9.67
CA LEU B 65 -1.58 -10.68 -8.92
C LEU B 65 -1.69 -10.71 -7.40
N GLY B 66 -2.72 -11.44 -6.93
CA GLY B 66 -2.82 -11.57 -5.47
C GLY B 66 -4.21 -11.77 -4.99
N SER B 67 -4.51 -11.43 -3.78
CA SER B 67 -5.85 -11.70 -3.16
C SER B 67 -6.34 -10.48 -2.41
N ILE B 68 -7.65 -10.56 -2.15
CA ILE B 68 -8.34 -9.60 -1.32
C ILE B 68 -9.23 -10.32 -0.34
N ASN B 69 -9.23 -9.88 0.89
CA ASN B 69 -10.10 -10.55 1.90
C ASN B 69 -10.71 -9.58 2.90
N SER B 70 -11.88 -9.95 3.37
N SER B 70 -11.89 -9.93 3.38
CA SER B 70 -12.41 -9.36 4.58
CA SER B 70 -12.42 -9.35 4.60
C SER B 70 -13.04 -10.51 5.34
C SER B 70 -13.05 -10.51 5.35
N MET B 71 -12.23 -11.40 5.87
CA MET B 71 -12.75 -12.60 6.48
C MET B 71 -13.61 -12.29 7.68
N GLY B 72 -13.25 -11.30 8.48
CA GLY B 72 -14.02 -10.96 9.69
C GLY B 72 -13.62 -11.80 10.87
N LEU B 73 -12.39 -12.23 10.93
CA LEU B 73 -11.84 -13.00 12.03
C LEU B 73 -12.67 -14.27 12.35
N PRO B 74 -13.05 -15.06 11.43
CA PRO B 74 -13.72 -16.38 11.72
C PRO B 74 -12.72 -17.24 12.40
N ASN B 75 -13.10 -17.85 13.52
CA ASN B 75 -12.13 -18.74 14.21
C ASN B 75 -12.88 -19.61 15.22
N LEU B 76 -12.25 -20.69 15.67
CA LEU B 76 -12.94 -21.67 16.59
C LEU B 76 -12.88 -21.20 18.03
N GLY B 77 -12.28 -20.09 18.36
CA GLY B 77 -12.15 -19.55 19.76
C GLY B 77 -10.88 -20.02 20.40
N PHE B 78 -10.46 -19.20 21.35
CA PHE B 78 -9.21 -19.47 22.04
C PHE B 78 -9.10 -20.79 22.66
N ASP B 79 -10.15 -21.30 23.33
CA ASP B 79 -10.00 -22.56 23.98
C ASP B 79 -9.59 -23.63 23.03
N PHE B 80 -10.12 -23.60 21.81
CA PHE B 80 -9.73 -24.61 20.81
C PHE B 80 -8.23 -24.53 20.43
N TYR B 81 -7.75 -23.33 20.16
CA TYR B 81 -6.29 -23.24 19.79
C TYR B 81 -5.37 -23.49 20.98
N LEU B 82 -5.83 -23.13 22.18
CA LEU B 82 -5.03 -23.50 23.38
C LEU B 82 -5.00 -24.98 23.60
N LYS B 83 -6.10 -25.67 23.39
CA LYS B 83 -6.13 -27.13 23.50
C LYS B 83 -5.22 -27.76 22.43
N TYR B 84 -5.25 -27.22 21.19
CA TYR B 84 -4.39 -27.79 20.15
C TYR B 84 -2.92 -27.62 20.60
N ALA B 85 -2.59 -26.41 21.09
CA ALA B 85 -1.18 -26.18 21.60
C ALA B 85 -0.81 -27.09 22.81
N SER B 86 -1.79 -27.42 23.65
N SER B 86 -1.75 -27.17 23.76
CA SER B 86 -1.48 -28.11 24.89
CA SER B 86 -1.47 -27.90 24.97
C SER B 86 -1.43 -29.60 24.71
C SER B 86 -1.55 -29.47 24.82
N ASP B 87 -2.35 -30.06 23.90
CA ASP B 87 -2.66 -31.48 23.89
C ASP B 87 -2.51 -32.17 22.58
N LEU B 88 -2.66 -31.44 21.45
CA LEU B 88 -2.72 -32.12 20.16
C LEU B 88 -1.51 -31.93 19.26
N HIS B 89 -0.89 -30.78 19.27
CA HIS B 89 0.26 -30.52 18.44
C HIS B 89 1.42 -31.49 18.74
N ASP B 90 2.05 -31.99 17.66
CA ASP B 90 3.24 -32.80 17.80
C ASP B 90 4.49 -31.85 17.63
N TYR B 91 5.04 -31.37 18.74
CA TYR B 91 6.18 -30.52 18.77
C TYR B 91 7.41 -31.24 18.20
N SER B 92 7.35 -32.54 18.07
CA SER B 92 8.59 -33.18 17.56
C SER B 92 8.61 -32.93 16.03
N LYS B 93 7.49 -32.57 15.40
CA LYS B 93 7.54 -32.28 13.98
C LYS B 93 8.04 -30.89 13.66
N LYS B 94 7.54 -29.84 14.32
CA LYS B 94 7.98 -28.47 14.10
C LYS B 94 7.39 -27.59 15.21
N PRO B 95 7.94 -26.42 15.33
CA PRO B 95 7.36 -25.45 16.28
C PRO B 95 6.05 -24.86 15.83
N LEU B 96 5.27 -24.50 16.85
CA LEU B 96 3.93 -23.92 16.69
C LEU B 96 3.93 -22.53 17.22
N PHE B 97 3.38 -21.58 16.45
CA PHE B 97 2.98 -20.26 16.92
C PHE B 97 1.48 -20.16 17.01
N LEU B 98 1.01 -19.50 18.05
CA LEU B 98 -0.41 -19.20 18.22
C LEU B 98 -0.65 -17.73 18.04
N SER B 99 -1.51 -17.36 17.09
CA SER B 99 -1.86 -15.94 16.85
C SER B 99 -3.10 -15.56 17.63
N ILE B 100 -2.99 -14.43 18.31
CA ILE B 100 -4.15 -13.95 19.01
C ILE B 100 -4.56 -12.60 18.52
N SER B 101 -5.90 -12.34 18.42
CA SER B 101 -6.30 -11.03 17.93
C SER B 101 -7.56 -10.64 18.66
N GLY B 102 -7.47 -10.39 19.96
CA GLY B 102 -8.63 -9.95 20.72
C GLY B 102 -9.09 -8.58 20.23
N LEU B 103 -10.37 -8.31 20.50
CA LEU B 103 -11.03 -7.11 20.03
C LEU B 103 -10.99 -5.96 21.02
N SER B 104 -10.34 -6.21 22.14
CA SER B 104 -10.00 -5.16 23.13
C SER B 104 -8.73 -5.56 23.83
N VAL B 105 -8.10 -4.66 24.53
CA VAL B 105 -6.97 -5.01 25.34
C VAL B 105 -7.29 -6.02 26.39
N GLU B 106 -8.46 -5.91 27.03
CA GLU B 106 -8.77 -6.87 28.07
C GLU B 106 -8.93 -8.31 27.56
N GLU B 107 -9.49 -8.44 26.34
CA GLU B 107 -9.60 -9.80 25.74
C GLU B 107 -8.20 -10.46 25.43
N ASN B 108 -7.35 -9.61 24.97
CA ASN B 108 -5.98 -10.06 24.75
C ASN B 108 -5.32 -10.47 26.07
N VAL B 109 -5.46 -9.61 27.11
CA VAL B 109 -4.85 -9.95 28.39
C VAL B 109 -5.41 -11.27 28.95
N ALA B 110 -6.74 -11.48 28.82
CA ALA B 110 -7.31 -12.69 29.32
C ALA B 110 -6.76 -13.92 28.62
N MET B 111 -6.58 -13.81 27.28
CA MET B 111 -5.99 -14.96 26.53
C MET B 111 -4.52 -15.20 26.91
N VAL B 112 -3.74 -14.12 26.95
CA VAL B 112 -2.32 -14.40 27.18
C VAL B 112 -2.06 -14.90 28.61
N ARG B 113 -2.91 -14.48 29.56
N ARG B 113 -2.91 -14.48 29.56
CA ARG B 113 -2.74 -15.05 30.92
CA ARG B 113 -2.72 -15.06 30.92
C ARG B 113 -2.90 -16.55 30.95
C ARG B 113 -2.88 -16.56 30.94
N ARG B 114 -3.83 -17.09 30.16
CA ARG B 114 -4.05 -18.47 30.09
C ARG B 114 -3.08 -19.24 29.13
N LEU B 115 -2.57 -18.52 28.14
CA LEU B 115 -1.53 -19.11 27.28
C LEU B 115 -0.19 -19.32 27.94
N ALA B 116 0.13 -18.39 28.83
CA ALA B 116 1.49 -18.36 29.46
C ALA B 116 1.95 -19.72 29.98
N PRO B 117 1.15 -20.42 30.82
CA PRO B 117 1.66 -21.71 31.32
C PRO B 117 1.85 -22.78 30.25
N VAL B 118 1.07 -22.74 29.13
CA VAL B 118 1.25 -23.72 28.06
C VAL B 118 2.48 -23.28 27.24
N ALA B 119 2.67 -22.02 27.03
CA ALA B 119 3.95 -21.50 26.41
C ALA B 119 5.15 -21.98 27.20
N GLN B 120 5.10 -21.82 28.54
CA GLN B 120 6.21 -22.25 29.35
C GLN B 120 6.42 -23.77 29.29
N GLU B 121 5.38 -24.57 29.42
CA GLU B 121 5.52 -26.00 29.41
C GLU B 121 5.78 -26.64 28.08
N LYS B 122 5.07 -26.19 27.00
CA LYS B 122 5.10 -26.85 25.71
C LYS B 122 5.95 -26.05 24.68
N GLY B 123 6.22 -24.80 24.91
CA GLY B 123 7.11 -23.99 24.01
C GLY B 123 6.27 -23.42 22.83
N VAL B 124 4.95 -23.43 22.82
CA VAL B 124 4.19 -22.64 21.80
C VAL B 124 4.56 -21.21 21.91
N LEU B 125 4.70 -20.51 20.74
CA LEU B 125 5.11 -19.12 20.67
C LEU B 125 3.98 -18.20 20.31
N LEU B 126 3.85 -17.10 20.96
CA LEU B 126 2.75 -16.16 20.75
C LEU B 126 3.07 -15.18 19.64
N GLU B 127 2.16 -15.03 18.66
CA GLU B 127 2.19 -13.88 17.71
C GLU B 127 0.94 -13.08 18.00
N LEU B 128 1.13 -11.86 18.54
CA LEU B 128 0.02 -10.92 18.79
C LEU B 128 -0.32 -10.08 17.59
N ASN B 129 -1.54 -10.20 17.06
CA ASN B 129 -1.92 -9.43 15.88
C ASN B 129 -2.34 -8.04 16.23
N LEU B 130 -1.54 -7.05 15.83
CA LEU B 130 -1.92 -5.68 16.11
C LEU B 130 -2.62 -5.00 14.97
N SER B 131 -2.98 -5.73 13.93
CA SER B 131 -3.69 -5.16 12.72
C SER B 131 -5.10 -5.61 12.86
N CYS B 132 -5.83 -4.88 13.69
N CYS B 132 -5.77 -5.03 13.85
CA CYS B 132 -7.02 -5.34 14.35
CA CYS B 132 -7.14 -5.25 14.22
C CYS B 132 -7.78 -4.15 15.01
C CYS B 132 -7.79 -3.98 14.75
N PRO B 133 -9.14 -3.99 14.78
CA PRO B 133 -9.83 -2.84 15.35
C PRO B 133 -9.76 -2.83 16.88
N ASN B 134 -9.81 -1.62 17.39
CA ASN B 134 -10.15 -1.46 18.84
C ASN B 134 -11.49 -0.70 18.85
N VAL B 135 -11.47 0.59 19.10
CA VAL B 135 -12.72 1.32 19.06
C VAL B 135 -13.13 1.56 17.61
N PRO B 136 -14.33 1.12 17.17
CA PRO B 136 -14.74 1.48 15.78
C PRO B 136 -14.82 3.04 15.49
N GLY B 137 -14.35 3.53 14.34
CA GLY B 137 -14.06 4.91 14.02
C GLY B 137 -12.71 5.43 14.36
N LYS B 138 -11.91 4.61 15.09
CA LYS B 138 -10.55 4.91 15.30
C LYS B 138 -9.77 3.93 14.34
N PRO B 139 -8.52 4.28 14.06
CA PRO B 139 -7.69 3.38 13.19
C PRO B 139 -7.46 2.04 13.82
N GLN B 140 -6.98 1.07 13.05
CA GLN B 140 -6.61 -0.18 13.64
C GLN B 140 -5.48 0.05 14.66
N VAL B 141 -5.34 -0.87 15.64
CA VAL B 141 -4.41 -0.67 16.77
C VAL B 141 -3.01 -0.21 16.38
N ALA B 142 -2.40 -0.90 15.38
CA ALA B 142 -1.04 -0.54 15.06
C ALA B 142 -0.88 0.76 14.24
N TYR B 143 -2.01 1.39 13.83
CA TYR B 143 -1.95 2.70 13.24
C TYR B 143 -2.31 3.76 14.31
N ASP B 144 -2.46 3.33 15.54
CA ASP B 144 -2.72 4.29 16.68
C ASP B 144 -1.66 4.05 17.68
N PHE B 145 -0.59 4.83 17.73
CA PHE B 145 0.58 4.44 18.47
C PHE B 145 0.39 4.44 19.95
N GLU B 146 -0.53 5.30 20.41
CA GLU B 146 -0.88 5.20 21.80
C GLU B 146 -1.64 3.92 22.19
N ALA B 147 -2.60 3.48 21.35
CA ALA B 147 -3.23 2.25 21.61
C ALA B 147 -2.21 1.12 21.51
N MET B 148 -1.31 1.17 20.51
CA MET B 148 -0.31 0.12 20.44
C MET B 148 0.51 -0.02 21.70
N ARG B 149 0.99 1.09 22.21
CA ARG B 149 1.80 1.10 23.42
C ARG B 149 0.98 0.49 24.57
N THR B 150 -0.28 0.87 24.69
CA THR B 150 -1.09 0.29 25.79
C THR B 150 -1.24 -1.22 25.64
N TYR B 151 -1.51 -1.69 24.42
CA TYR B 151 -1.67 -3.11 24.26
C TYR B 151 -0.41 -3.85 24.65
N LEU B 152 0.76 -3.33 24.22
CA LEU B 152 2.01 -4.03 24.50
C LEU B 152 2.44 -3.97 25.99
N GLN B 153 2.06 -2.86 26.65
CA GLN B 153 2.35 -2.76 28.11
C GLN B 153 1.51 -3.82 28.82
N GLN B 154 0.24 -3.90 28.44
N GLN B 154 0.23 -3.90 28.47
CA GLN B 154 -0.69 -4.77 29.13
CA GLN B 154 -0.68 -4.78 29.20
C GLN B 154 -0.40 -6.25 28.85
C GLN B 154 -0.43 -6.27 28.84
N VAL B 155 -0.11 -6.57 27.57
CA VAL B 155 0.22 -7.96 27.25
C VAL B 155 1.58 -8.40 27.85
N SER B 156 2.59 -7.49 27.79
CA SER B 156 3.88 -7.85 28.39
C SER B 156 3.72 -8.18 29.88
N LEU B 157 2.92 -7.35 30.59
CA LEU B 157 2.76 -7.60 32.02
C LEU B 157 2.01 -8.90 32.27
N ALA B 158 0.95 -9.13 31.48
CA ALA B 158 0.12 -10.33 31.68
C ALA B 158 0.77 -11.62 31.27
N TYR B 159 1.61 -11.55 30.21
CA TYR B 159 2.15 -12.79 29.65
C TYR B 159 3.53 -13.10 30.28
N GLY B 160 4.43 -12.14 30.33
CA GLY B 160 5.67 -12.34 31.11
C GLY B 160 6.71 -13.17 30.41
N LEU B 161 6.54 -13.48 29.11
CA LEU B 161 7.42 -14.34 28.35
C LEU B 161 7.66 -13.69 26.98
N PRO B 162 8.72 -14.13 26.32
CA PRO B 162 8.97 -13.62 24.92
C PRO B 162 7.81 -13.90 24.00
N PHE B 163 7.52 -12.89 23.20
CA PHE B 163 6.43 -13.03 22.21
C PHE B 163 6.81 -12.22 20.99
N GLY B 164 5.96 -12.30 19.95
CA GLY B 164 6.14 -11.39 18.78
C GLY B 164 4.84 -10.73 18.41
N VAL B 165 4.97 -9.78 17.46
CA VAL B 165 3.87 -9.01 17.04
C VAL B 165 3.70 -9.03 15.53
N LYS B 166 2.51 -9.11 15.05
CA LYS B 166 2.21 -9.01 13.57
C LYS B 166 1.78 -7.60 13.31
N MET B 167 2.52 -6.97 12.39
CA MET B 167 2.35 -5.54 12.05
C MET B 167 1.68 -5.33 10.68
N PRO B 168 0.85 -4.28 10.56
CA PRO B 168 0.41 -3.90 9.27
C PRO B 168 1.61 -3.18 8.56
N PRO B 169 1.54 -3.01 7.26
CA PRO B 169 2.52 -2.19 6.57
C PRO B 169 2.39 -0.72 6.89
N TYR B 170 3.52 -0.03 6.89
CA TYR B 170 3.50 1.46 6.91
C TYR B 170 4.10 1.96 5.64
N PHE B 171 3.88 3.26 5.37
CA PHE B 171 4.13 3.89 4.07
C PHE B 171 4.88 5.21 4.23
N ASP B 172 5.17 5.56 5.48
CA ASP B 172 5.75 6.89 5.74
C ASP B 172 6.96 6.61 6.66
N ILE B 173 8.10 7.22 6.40
CA ILE B 173 9.32 6.97 7.21
C ILE B 173 9.09 7.43 8.62
N ALA B 174 8.24 8.47 8.80
CA ALA B 174 7.99 8.86 10.20
C ALA B 174 7.27 7.79 10.95
N HIS B 175 6.38 7.03 10.27
CA HIS B 175 5.69 5.95 10.91
C HIS B 175 6.60 4.76 11.19
N PHE B 176 7.57 4.45 10.32
CA PHE B 176 8.55 3.41 10.63
C PHE B 176 9.25 3.85 11.87
N ASP B 177 9.66 5.14 11.91
CA ASP B 177 10.45 5.56 13.08
C ASP B 177 9.64 5.47 14.38
N THR B 178 8.42 5.95 14.38
CA THR B 178 7.58 5.92 15.58
C THR B 178 7.23 4.49 15.99
N ALA B 179 6.79 3.66 15.02
CA ALA B 179 6.39 2.31 15.32
C ALA B 179 7.55 1.49 15.91
N ALA B 180 8.75 1.56 15.29
CA ALA B 180 9.89 0.81 15.86
C ALA B 180 10.30 1.29 17.21
N ALA B 181 10.20 2.59 17.43
CA ALA B 181 10.45 3.16 18.78
C ALA B 181 9.47 2.53 19.83
N VAL B 182 8.20 2.41 19.48
CA VAL B 182 7.21 1.85 20.39
C VAL B 182 7.62 0.42 20.63
N LEU B 183 7.91 -0.40 19.58
CA LEU B 183 8.33 -1.77 19.81
C LEU B 183 9.53 -1.92 20.66
N ASN B 184 10.52 -1.01 20.47
CA ASN B 184 11.73 -1.14 21.21
C ASN B 184 11.57 -0.77 22.75
N GLU B 185 10.44 -0.21 23.09
CA GLU B 185 10.14 -0.01 24.55
C GLU B 185 9.92 -1.35 25.23
N PHE B 186 9.66 -2.49 24.50
CA PHE B 186 9.19 -3.74 25.09
C PHE B 186 10.21 -4.80 24.88
N PRO B 187 11.02 -5.17 25.87
CA PRO B 187 11.97 -6.17 25.67
C PRO B 187 11.46 -7.60 25.46
N LEU B 188 10.21 -7.86 25.84
CA LEU B 188 9.67 -9.18 25.62
C LEU B 188 9.19 -9.35 24.17
N VAL B 189 9.12 -8.27 23.41
CA VAL B 189 8.80 -8.42 21.97
C VAL B 189 10.08 -8.86 21.26
N LYS B 190 10.18 -10.16 20.98
CA LYS B 190 11.40 -10.71 20.43
C LYS B 190 11.37 -10.91 18.90
N PHE B 191 10.19 -10.88 18.32
CA PHE B 191 10.12 -10.91 16.83
C PHE B 191 8.99 -9.98 16.42
N VAL B 192 9.15 -9.50 15.18
CA VAL B 192 8.23 -8.56 14.56
C VAL B 192 7.91 -9.13 13.18
N THR B 193 6.67 -9.46 12.88
CA THR B 193 6.27 -10.05 11.56
C THR B 193 5.72 -8.94 10.75
N CYS B 194 6.44 -8.69 9.66
CA CYS B 194 6.07 -7.67 8.66
C CYS B 194 5.83 -8.31 7.35
N VAL B 195 4.61 -8.34 6.77
CA VAL B 195 3.46 -7.47 7.07
C VAL B 195 2.17 -8.27 6.98
N ASN B 196 1.18 -7.76 7.70
CA ASN B 196 -0.22 -8.07 7.39
C ASN B 196 -0.62 -7.51 6.04
N SER B 197 -1.88 -7.80 5.63
CA SER B 197 -2.35 -7.30 4.31
C SER B 197 -2.30 -5.82 4.21
N VAL B 198 -2.15 -5.36 2.97
CA VAL B 198 -2.26 -3.92 2.73
C VAL B 198 -3.73 -3.54 2.80
N GLY B 199 -4.04 -2.70 3.74
CA GLY B 199 -5.47 -2.48 4.10
C GLY B 199 -6.33 -1.81 3.08
N ASN B 200 -7.60 -2.27 3.05
CA ASN B 200 -8.68 -1.54 2.36
C ASN B 200 -8.36 -1.23 0.92
N GLY B 201 -7.89 -2.19 0.21
CA GLY B 201 -7.93 -2.17 -1.26
C GLY B 201 -9.30 -2.46 -1.80
N LEU B 202 -9.48 -2.32 -3.10
CA LEU B 202 -10.81 -2.59 -3.71
C LEU B 202 -10.54 -3.19 -5.06
N VAL B 203 -10.91 -4.45 -5.22
CA VAL B 203 -10.88 -5.12 -6.55
C VAL B 203 -12.26 -5.07 -7.22
N ILE B 204 -12.24 -4.67 -8.45
CA ILE B 204 -13.49 -4.60 -9.23
C ILE B 204 -13.37 -5.45 -10.46
N ASP B 205 -14.41 -6.23 -10.73
CA ASP B 205 -14.48 -7.07 -11.92
C ASP B 205 -15.11 -6.24 -13.04
N ALA B 206 -14.36 -6.08 -14.14
CA ALA B 206 -14.83 -5.26 -15.26
C ALA B 206 -16.05 -5.85 -15.97
N GLU B 207 -16.15 -7.15 -16.12
N GLU B 207 -16.15 -7.15 -16.12
CA GLU B 207 -17.28 -7.69 -16.88
CA GLU B 207 -17.31 -7.69 -16.87
C GLU B 207 -18.61 -7.48 -16.09
C GLU B 207 -18.62 -7.46 -16.08
N SER B 208 -18.61 -7.78 -14.79
CA SER B 208 -19.82 -7.67 -14.00
C SER B 208 -20.01 -6.31 -13.41
N GLU B 209 -19.00 -5.43 -13.50
CA GLU B 209 -19.04 -4.09 -12.92
C GLU B 209 -19.23 -4.07 -11.44
N SER B 210 -18.73 -5.11 -10.78
N SER B 210 -18.75 -5.12 -10.78
CA SER B 210 -18.99 -5.37 -9.38
CA SER B 210 -19.01 -5.30 -9.36
C SER B 210 -17.73 -5.57 -8.60
C SER B 210 -17.73 -5.55 -8.60
N VAL B 211 -17.77 -5.13 -7.33
CA VAL B 211 -16.74 -5.57 -6.38
C VAL B 211 -16.85 -7.08 -6.23
N VAL B 212 -15.79 -7.68 -5.69
CA VAL B 212 -15.69 -9.19 -5.72
C VAL B 212 -15.85 -9.79 -4.31
N ILE B 213 -15.84 -8.99 -3.26
CA ILE B 213 -16.20 -9.53 -1.94
C ILE B 213 -17.37 -8.75 -1.41
N LYS B 214 -18.14 -9.41 -0.55
CA LYS B 214 -19.38 -8.87 -0.05
C LYS B 214 -19.20 -7.89 1.12
N PRO B 215 -18.35 -8.19 2.14
CA PRO B 215 -18.27 -7.21 3.27
C PRO B 215 -17.70 -5.87 2.86
N LYS B 216 -18.05 -4.84 3.63
N LYS B 216 -18.05 -4.84 3.63
N LYS B 216 -18.05 -4.84 3.61
CA LYS B 216 -17.39 -3.53 3.55
CA LYS B 216 -17.38 -3.54 3.54
CA LYS B 216 -17.38 -3.53 3.55
C LYS B 216 -17.44 -2.95 2.14
C LYS B 216 -17.43 -2.95 2.13
C LYS B 216 -17.43 -2.96 2.14
N GLN B 217 -18.53 -3.20 1.40
CA GLN B 217 -18.75 -2.65 0.04
C GLN B 217 -17.55 -2.96 -0.85
N GLY B 218 -16.96 -4.17 -0.59
CA GLY B 218 -15.85 -4.67 -1.46
C GLY B 218 -14.44 -4.39 -0.98
N PHE B 219 -14.30 -3.60 0.05
CA PHE B 219 -12.98 -3.16 0.56
C PHE B 219 -12.40 -4.29 1.39
N GLY B 220 -11.11 -4.57 1.18
CA GLY B 220 -10.50 -5.67 1.95
C GLY B 220 -9.01 -5.63 1.82
N GLY B 221 -8.39 -6.45 2.64
CA GLY B 221 -6.86 -6.40 2.68
C GLY B 221 -6.29 -7.18 1.51
N LEU B 222 -5.21 -6.60 0.99
CA LEU B 222 -4.53 -7.15 -0.19
C LEU B 222 -3.32 -7.98 0.19
N GLY B 223 -3.18 -9.11 -0.47
CA GLY B 223 -1.96 -9.94 -0.33
C GLY B 223 -1.44 -10.32 -1.70
N GLY B 224 -0.29 -10.94 -1.74
CA GLY B 224 0.22 -11.50 -2.95
C GLY B 224 1.16 -10.59 -3.70
N LYS B 225 1.18 -10.76 -5.04
CA LYS B 225 2.22 -10.05 -5.83
C LYS B 225 2.11 -8.56 -5.68
N TYR B 226 0.91 -8.03 -5.45
CA TYR B 226 0.72 -6.56 -5.24
C TYR B 226 1.63 -6.02 -4.18
N ILE B 227 1.92 -6.81 -3.14
CA ILE B 227 2.44 -6.22 -1.95
C ILE B 227 3.91 -6.58 -1.67
N LEU B 228 4.64 -7.29 -2.56
CA LEU B 228 5.99 -7.67 -2.26
C LEU B 228 6.91 -6.49 -1.96
N PRO B 229 6.96 -5.46 -2.82
CA PRO B 229 7.88 -4.32 -2.43
C PRO B 229 7.50 -3.63 -1.17
N THR B 230 6.22 -3.52 -0.86
CA THR B 230 5.79 -2.98 0.43
C THR B 230 6.27 -3.86 1.58
N ALA B 231 6.11 -5.18 1.40
CA ALA B 231 6.59 -6.10 2.47
C ALA B 231 8.07 -6.00 2.68
N LEU B 232 8.85 -6.03 1.60
CA LEU B 232 10.29 -5.95 1.73
C LEU B 232 10.70 -4.64 2.43
N ALA B 233 10.06 -3.53 2.11
CA ALA B 233 10.40 -2.28 2.72
C ALA B 233 10.17 -2.33 4.21
N ASN B 234 9.03 -2.90 4.63
CA ASN B 234 8.76 -2.97 6.07
C ASN B 234 9.71 -3.91 6.77
N VAL B 235 9.98 -5.07 6.17
CA VAL B 235 10.97 -5.99 6.77
C VAL B 235 12.26 -5.20 6.98
N ASN B 236 12.76 -4.53 5.91
CA ASN B 236 14.08 -3.92 6.07
C ASN B 236 14.02 -2.70 7.03
N ALA B 237 12.92 -2.00 7.04
CA ALA B 237 12.83 -0.81 7.91
C ALA B 237 12.84 -1.27 9.36
N PHE B 238 12.14 -2.32 9.74
CA PHE B 238 12.20 -2.83 11.09
C PHE B 238 13.45 -3.58 11.40
N TYR B 239 14.07 -4.21 10.42
CA TYR B 239 15.31 -4.90 10.66
C TYR B 239 16.38 -3.87 11.02
N ARG B 240 16.38 -2.71 10.31
CA ARG B 240 17.37 -1.65 10.62
C ARG B 240 17.05 -0.98 11.96
N ARG B 241 15.80 -0.85 12.35
CA ARG B 241 15.42 -0.02 13.53
C ARG B 241 15.35 -0.88 14.77
N CYS B 242 15.27 -2.22 14.66
CA CYS B 242 15.11 -3.08 15.86
C CYS B 242 16.21 -4.11 15.92
N PRO B 243 17.47 -3.69 16.15
CA PRO B 243 18.60 -4.55 16.09
C PRO B 243 18.60 -5.66 17.17
N ASP B 244 17.81 -5.49 18.20
CA ASP B 244 17.72 -6.54 19.27
C ASP B 244 16.57 -7.45 19.12
N LYS B 245 15.87 -7.37 17.97
CA LYS B 245 14.71 -8.26 17.73
C LYS B 245 14.94 -9.04 16.43
N LEU B 246 14.19 -10.12 16.23
CA LEU B 246 14.11 -10.79 14.89
C LEU B 246 12.98 -10.14 14.13
N VAL B 247 13.11 -10.20 12.79
CA VAL B 247 12.01 -9.80 11.89
C VAL B 247 11.62 -11.02 11.12
N PHE B 248 10.34 -11.29 11.03
CA PHE B 248 9.82 -12.37 10.18
C PHE B 248 9.18 -11.64 8.98
N GLY B 249 9.48 -12.17 7.77
CA GLY B 249 8.88 -11.53 6.60
C GLY B 249 7.62 -12.21 6.19
N CYS B 250 6.65 -11.42 5.74
CA CYS B 250 5.37 -11.96 5.18
C CYS B 250 4.96 -10.99 4.08
N GLY B 251 4.60 -11.49 2.94
CA GLY B 251 3.98 -10.66 1.90
C GLY B 251 4.59 -10.92 0.52
N GLY B 252 3.75 -11.46 -0.36
CA GLY B 252 4.20 -11.62 -1.73
C GLY B 252 5.17 -12.71 -2.00
N VAL B 253 5.27 -13.70 -1.12
CA VAL B 253 6.16 -14.85 -1.41
C VAL B 253 5.45 -15.89 -2.23
N TYR B 254 5.94 -16.08 -3.47
CA TYR B 254 5.49 -17.19 -4.32
C TYR B 254 6.62 -18.08 -4.73
N SER B 255 7.88 -17.74 -4.50
CA SER B 255 9.02 -18.47 -5.06
C SER B 255 10.13 -18.39 -4.06
N GLY B 256 11.13 -19.27 -4.25
CA GLY B 256 12.36 -19.18 -3.49
C GLY B 256 13.05 -17.86 -3.76
N GLU B 257 12.95 -17.26 -4.92
CA GLU B 257 13.58 -15.96 -5.14
C GLU B 257 12.90 -14.93 -4.27
N ASP B 258 11.57 -14.92 -4.15
CA ASP B 258 10.91 -13.92 -3.33
C ASP B 258 11.34 -14.10 -1.86
N ALA B 259 11.51 -15.36 -1.42
CA ALA B 259 11.99 -15.64 -0.07
C ALA B 259 13.41 -15.15 0.12
N PHE B 260 14.26 -15.35 -0.89
CA PHE B 260 15.64 -14.81 -0.84
C PHE B 260 15.64 -13.37 -0.67
N LEU B 261 14.76 -12.63 -1.39
CA LEU B 261 14.69 -11.20 -1.18
C LEU B 261 14.29 -10.80 0.23
N HIS B 262 13.21 -11.43 0.78
CA HIS B 262 12.88 -11.20 2.17
C HIS B 262 14.03 -11.39 3.14
N ILE B 263 14.79 -12.47 2.89
CA ILE B 263 15.90 -12.78 3.78
C ILE B 263 17.02 -11.74 3.61
N LEU B 264 17.33 -11.33 2.40
CA LEU B 264 18.28 -10.23 2.14
C LEU B 264 17.83 -9.00 2.90
N ALA B 265 16.52 -8.71 2.94
CA ALA B 265 16.00 -7.55 3.62
C ALA B 265 16.05 -7.65 5.13
N GLY B 266 16.24 -8.86 5.65
CA GLY B 266 16.43 -9.08 7.13
C GLY B 266 15.56 -10.18 7.67
N ALA B 267 14.69 -10.81 6.89
CA ALA B 267 13.80 -11.82 7.48
C ALA B 267 14.51 -13.03 8.00
N SER B 268 14.04 -13.51 9.19
CA SER B 268 14.44 -14.85 9.75
C SER B 268 13.46 -15.87 9.25
N MET B 269 12.26 -15.97 9.81
CA MET B 269 11.24 -16.83 9.19
C MET B 269 10.62 -16.02 8.03
N VAL B 270 10.05 -16.79 7.11
CA VAL B 270 9.36 -16.29 5.89
C VAL B 270 8.00 -16.94 5.84
N GLN B 271 6.94 -16.14 5.95
CA GLN B 271 5.56 -16.66 5.95
C GLN B 271 4.94 -16.54 4.56
N VAL B 272 4.03 -17.45 4.26
CA VAL B 272 3.43 -17.57 2.92
C VAL B 272 1.93 -17.61 3.13
N GLY B 273 1.25 -16.60 2.59
CA GLY B 273 -0.22 -16.43 2.72
C GLY B 273 -0.95 -16.84 1.43
N THR B 274 -1.17 -15.81 0.61
CA THR B 274 -1.90 -15.99 -0.67
C THR B 274 -1.37 -17.16 -1.47
N ALA B 275 -0.06 -17.24 -1.68
CA ALA B 275 0.41 -18.29 -2.57
C ALA B 275 0.12 -19.67 -2.03
N LEU B 276 0.16 -19.83 -0.69
CA LEU B 276 -0.22 -21.09 -0.06
C LEU B 276 -1.72 -21.35 -0.13
N GLN B 277 -2.51 -20.30 0.00
CA GLN B 277 -3.94 -20.50 -0.15
C GLN B 277 -4.25 -21.00 -1.56
N GLU B 278 -3.52 -20.45 -2.56
CA GLU B 278 -3.79 -20.82 -3.95
C GLU B 278 -3.17 -22.12 -4.38
N GLU B 279 -1.94 -22.45 -3.95
CA GLU B 279 -1.25 -23.62 -4.40
C GLU B 279 -1.39 -24.83 -3.52
N GLY B 280 -1.62 -24.61 -2.23
CA GLY B 280 -1.64 -25.65 -1.23
C GLY B 280 -0.26 -25.94 -0.64
N PRO B 281 -0.20 -26.87 0.30
CA PRO B 281 0.96 -27.06 1.11
C PRO B 281 2.11 -27.69 0.38
N GLY B 282 1.90 -28.22 -0.83
CA GLY B 282 3.04 -28.63 -1.64
C GLY B 282 3.96 -27.49 -1.93
N ILE B 283 3.52 -26.21 -1.79
CA ILE B 283 4.40 -25.08 -2.10
C ILE B 283 5.65 -25.16 -1.29
N PHE B 284 5.62 -25.70 -0.08
CA PHE B 284 6.81 -25.63 0.77
C PHE B 284 7.94 -26.41 0.20
N THR B 285 7.73 -27.53 -0.45
CA THR B 285 8.94 -28.25 -0.99
C THR B 285 9.47 -27.50 -2.15
N ARG B 286 8.65 -26.84 -2.95
CA ARG B 286 9.08 -26.01 -4.09
C ARG B 286 9.84 -24.81 -3.59
N LEU B 287 9.37 -24.16 -2.53
CA LEU B 287 10.12 -22.98 -2.05
C LEU B 287 11.46 -23.44 -1.48
N GLU B 288 11.54 -24.55 -0.78
CA GLU B 288 12.83 -25.02 -0.23
C GLU B 288 13.77 -25.32 -1.38
N ASP B 289 13.30 -26.04 -2.37
CA ASP B 289 14.20 -26.39 -3.54
C ASP B 289 14.65 -25.13 -4.24
N GLU B 290 13.77 -24.15 -4.50
CA GLU B 290 14.12 -22.93 -5.22
C GLU B 290 15.08 -22.09 -4.41
N LEU B 291 14.90 -21.93 -3.13
CA LEU B 291 15.84 -21.15 -2.31
C LEU B 291 17.19 -21.85 -2.34
N LEU B 292 17.22 -23.17 -2.14
CA LEU B 292 18.57 -23.90 -2.19
C LEU B 292 19.21 -23.72 -3.54
N GLU B 293 18.45 -23.65 -4.64
CA GLU B 293 19.10 -23.50 -5.90
C GLU B 293 19.72 -22.15 -6.04
N ILE B 294 19.10 -21.08 -5.55
CA ILE B 294 19.72 -19.77 -5.61
C ILE B 294 20.91 -19.69 -4.73
N MET B 295 20.83 -20.27 -3.52
CA MET B 295 22.01 -20.33 -2.62
C MET B 295 23.13 -21.07 -3.35
N ALA B 296 22.86 -22.22 -3.94
CA ALA B 296 23.97 -22.97 -4.66
C ALA B 296 24.58 -22.15 -5.71
N ARG B 297 23.84 -21.42 -6.47
CA ARG B 297 24.40 -20.63 -7.58
C ARG B 297 25.30 -19.55 -7.05
N LYS B 298 24.99 -18.98 -5.89
CA LYS B 298 25.73 -17.89 -5.34
C LYS B 298 26.82 -18.33 -4.37
N GLY B 299 26.88 -19.61 -4.07
CA GLY B 299 27.91 -20.04 -3.15
C GLY B 299 27.54 -19.89 -1.69
N TYR B 300 26.25 -19.63 -1.32
CA TYR B 300 25.89 -19.47 0.05
C TYR B 300 25.53 -20.84 0.66
N ARG B 301 26.02 -21.05 1.89
CA ARG B 301 25.78 -22.33 2.53
C ARG B 301 24.76 -22.27 3.64
N THR B 302 24.55 -21.13 4.25
CA THR B 302 23.55 -20.94 5.31
C THR B 302 22.84 -19.62 5.11
N LEU B 303 21.70 -19.48 5.79
CA LEU B 303 20.90 -18.27 5.65
C LEU B 303 21.57 -17.10 6.28
N GLU B 304 22.42 -17.28 7.33
N GLU B 304 22.34 -17.29 7.38
CA GLU B 304 23.09 -16.15 7.98
CA GLU B 304 22.83 -16.14 8.11
C GLU B 304 24.10 -15.47 7.05
C GLU B 304 23.99 -15.54 7.30
N GLU B 305 24.61 -16.22 6.08
N GLU B 305 24.48 -16.22 6.24
CA GLU B 305 25.55 -15.63 5.15
CA GLU B 305 25.47 -15.59 5.37
C GLU B 305 24.96 -14.51 4.31
C GLU B 305 24.94 -14.37 4.62
N PHE B 306 23.65 -14.41 4.26
CA PHE B 306 23.06 -13.32 3.48
C PHE B 306 21.87 -12.61 4.16
N ARG B 307 21.42 -13.00 5.37
CA ARG B 307 20.27 -12.35 5.98
C ARG B 307 20.63 -10.92 6.28
N GLY B 308 19.86 -9.96 5.86
CA GLY B 308 20.05 -8.58 6.12
C GLY B 308 21.13 -7.95 5.29
N ARG B 309 21.69 -8.66 4.33
CA ARG B 309 22.87 -8.15 3.59
C ARG B 309 22.47 -7.51 2.25
N VAL B 310 21.21 -7.12 2.09
CA VAL B 310 20.88 -6.29 0.90
C VAL B 310 21.88 -5.13 0.81
N LYS B 311 22.31 -4.93 -0.44
CA LYS B 311 23.27 -3.82 -0.72
C LYS B 311 22.55 -2.59 -1.10
N THR B 312 23.01 -1.43 -0.65
CA THR B 312 22.55 -0.12 -1.10
C THR B 312 23.55 0.48 -2.12
N ILE B 313 23.12 1.47 -2.89
CA ILE B 313 23.95 2.10 -3.95
C ILE B 313 24.68 3.28 -3.33
N GLU B 314 26.02 3.18 -3.51
CA GLU B 314 27.05 4.16 -3.01
C GLU B 314 27.44 3.90 -1.56
OAB W87 C . 9.53 14.05 -7.28
CAT W87 C . 9.30 12.96 -6.65
OAF W87 C . 10.08 12.22 -6.05
CAX W87 C . 7.85 12.61 -6.50
NAQ W87 C . 7.61 11.26 -6.68
CAZ W87 C . 6.33 10.80 -6.49
OAD W87 C . 6.11 9.55 -6.67
NAR W87 C . 5.32 11.60 -6.10
CBA W87 C . 5.51 12.97 -5.89
OAE W87 C . 4.52 13.62 -5.51
CAY W87 C . 6.83 13.49 -6.11
CAP W87 C . 7.05 14.99 -5.87
CAN W87 C . 7.09 15.30 -4.32
CAM W87 C . 8.01 14.57 -3.34
CAO W87 C . 8.54 15.53 -2.40
CAV W87 C . 9.91 15.18 -2.02
CAL W87 C . 10.62 16.29 -1.73
CAI W87 C . 10.40 13.89 -2.00
CAK W87 C . 11.72 13.67 -1.59
CBC W87 C . 12.48 14.83 -1.28
CBB W87 C . 11.90 16.11 -1.33
CAJ W87 C . 12.58 17.27 -0.97
CAG W87 C . 13.89 17.09 -0.49
CAH W87 C . 14.50 15.81 -0.46
CAW W87 C . 13.78 14.69 -0.82
CAU W87 C . 14.51 13.42 -0.76
OAC W87 C . 14.16 12.39 -1.37
OAS W87 C . 15.78 13.45 -0.08
CAA W87 C . 16.49 12.17 -0.03
C1 GOL D . 4.15 14.35 -29.35
C1 GOL D . 4.14 13.85 -30.15
O1 GOL D . 5.59 14.46 -29.61
O1 GOL D . 5.33 14.38 -29.41
C2 GOL D . 3.68 12.89 -29.65
C2 GOL D . 3.40 12.75 -29.34
O2 GOL D . 3.96 12.57 -30.98
O2 GOL D . 2.81 13.46 -28.31
C3 GOL D . 2.21 12.60 -29.32
C3 GOL D . 2.31 11.92 -30.07
O3 GOL D . 1.93 11.20 -29.42
O3 GOL D . 1.72 10.88 -29.22
C1 GOL E . -15.73 0.50 3.42
O1 GOL E . -16.25 -0.15 4.58
C2 GOL E . -16.48 1.85 3.18
O2 GOL E . -16.14 2.72 4.26
C3 GOL E . -15.78 2.56 2.00
O3 GOL E . -16.52 3.74 1.75
C1 GOL F . 5.38 10.92 -2.75
O1 GOL F . 6.80 11.06 -2.78
C2 GOL F . 4.87 9.57 -2.16
O2 GOL F . 5.62 8.36 -2.43
C3 GOL F . 3.31 9.52 -2.34
O3 GOL F . 2.35 8.91 -1.47
C1 GOL G . 12.23 -6.79 -9.38
O1 GOL G . 11.26 -7.81 -9.70
C2 GOL G . 13.57 -6.96 -10.14
O2 GOL G . 14.13 -8.23 -10.24
C3 GOL G . 14.71 -5.95 -9.82
O3 GOL G . 15.73 -6.10 -10.81
C1 GOL H . 18.80 3.96 10.47
C1 GOL H . 17.36 3.16 11.20
O1 GOL H . 18.36 2.93 11.33
O1 GOL H . 18.00 2.28 12.12
C2 GOL H . 17.59 4.51 9.73
C2 GOL H . 17.83 2.86 9.80
O2 GOL H . 17.28 5.78 10.24
O2 GOL H . 19.21 2.49 9.74
C3 GOL H . 17.98 4.69 8.26
C3 GOL H . 17.50 3.93 8.77
O3 GOL H . 17.42 3.62 7.51
O3 GOL H . 17.90 3.43 7.50
C1 GOL I . 1.95 -2.03 -24.67
O1 GOL I . 1.67 -2.62 -23.40
C2 GOL I . 0.62 -1.87 -25.44
O2 GOL I . -0.30 -2.91 -25.15
C3 GOL I . 0.81 -1.73 -26.94
O3 GOL I . 1.47 -0.53 -27.26
C1 GOL J . 13.16 8.19 -16.18
O1 GOL J . 14.48 7.75 -15.98
C2 GOL J . 12.96 9.38 -15.31
O2 GOL J . 14.12 10.19 -15.28
C3 GOL J . 11.74 10.22 -15.71
O3 GOL J . 11.87 11.65 -15.58
C1 GOL K . -10.09 22.05 -24.40
O1 GOL K . -10.65 22.97 -23.59
C2 GOL K . -10.55 22.22 -25.86
O2 GOL K . -9.79 23.18 -26.57
C3 GOL K . -10.18 20.90 -26.50
O3 GOL K . -10.74 19.98 -25.55
C1 GOL L . -20.86 15.77 -8.92
O1 GOL L . -20.00 16.38 -7.95
C2 GOL L . -22.34 16.07 -8.62
O2 GOL L . -22.93 16.92 -9.58
C3 GOL L . -23.18 14.81 -8.44
O3 GOL L . -23.99 15.05 -7.31
C1 GOL M . -12.54 25.04 7.95
O1 GOL M . -11.24 24.55 8.31
C2 GOL M . -12.62 26.33 7.10
O2 GOL M . -11.61 27.21 7.53
C3 GOL M . -12.46 26.05 5.60
O3 GOL M . -13.11 26.86 4.61
C1 GOL N . -20.69 17.15 1.94
O1 GOL N . -20.46 17.93 0.76
C2 GOL N . -21.77 16.07 1.71
O2 GOL N . -23.03 16.55 1.23
C3 GOL N . -22.04 15.25 2.97
O3 GOL N . -20.87 14.87 3.61
C1 GOL O . -21.35 10.94 -4.25
O1 GOL O . -21.16 9.54 -4.11
C2 GOL O . -22.01 11.37 -5.60
O2 GOL O . -22.76 10.35 -6.18
C3 GOL O . -20.99 11.78 -6.67
O3 GOL O . -21.06 13.15 -6.98
C1 GOL P . 21.59 15.90 -7.90
O1 GOL P . 21.36 15.60 -6.53
C2 GOL P . 21.92 14.64 -8.70
O2 GOL P . 23.29 14.32 -8.57
C3 GOL P . 21.48 14.71 -10.18
O3 GOL P . 20.71 13.57 -10.53
AS CAC Q . 11.88 13.62 -18.69
O1 CAC Q . 10.58 13.15 -17.61
O2 CAC Q . 12.03 15.35 -18.74
C1 CAC Q . 10.88 12.91 -20.32
C2 CAC Q . 13.70 12.98 -18.83
AS CAC R . -26.76 -2.54 -20.04
O1 CAC R . -25.48 -1.31 -20.09
O2 CAC R . -26.82 -3.97 -21.00
C1 CAC R . -28.29 -1.65 -21.00
C2 CAC R . -26.84 -1.76 -18.28
N1 FMN S . 3.11 12.87 -8.30
C2 FMN S . 2.96 14.22 -8.11
O2 FMN S . 1.89 14.62 -7.68
N3 FMN S . 3.97 15.09 -8.49
C4 FMN S . 5.09 14.66 -9.06
O4 FMN S . 5.93 15.56 -9.41
C4A FMN S . 5.34 13.31 -9.24
N5 FMN S . 6.44 12.90 -9.83
C5A FMN S . 6.51 11.59 -10.24
C6 FMN S . 7.61 11.13 -10.90
C7 FMN S . 7.71 9.83 -11.39
C7M FMN S . 8.93 9.29 -12.15
C8 FMN S . 6.70 8.91 -11.05
C8M FMN S . 6.69 7.48 -11.50
C9 FMN S . 5.58 9.33 -10.35
C9A FMN S . 5.48 10.67 -9.92
N10 FMN S . 4.39 11.13 -9.19
C10 FMN S . 4.22 12.45 -8.91
C1' FMN S . 3.26 10.19 -8.87
C2' FMN S . 2.37 9.96 -10.06
O2' FMN S . 1.72 11.21 -10.40
C3' FMN S . 1.28 8.97 -9.75
O3' FMN S . 0.49 9.49 -8.66
C4' FMN S . 1.84 7.60 -9.37
O4' FMN S . 2.97 7.25 -10.18
C5' FMN S . 0.77 6.50 -9.50
O5' FMN S . 0.26 6.38 -10.82
P FMN S . 0.74 5.18 -11.79
O1P FMN S . 0.06 5.46 -13.07
O2P FMN S . 0.42 3.89 -11.10
O3P FMN S . 2.26 5.31 -11.92
C1 EDO T . -22.88 1.20 -5.05
O1 EDO T . -23.11 1.50 -3.64
C2 EDO T . -21.57 1.90 -5.56
O2 EDO T . -21.74 2.74 -6.67
C1 EDO U . -10.94 32.51 -19.95
O1 EDO U . -10.41 31.68 -18.89
C2 EDO U . -10.34 32.03 -21.26
O2 EDO U . -8.97 32.48 -21.38
C1 EDO V . -14.05 29.00 0.55
O1 EDO V . -12.82 28.95 1.33
C2 EDO V . -14.33 30.24 -0.30
O2 EDO V . -15.43 29.94 -1.16
C1 EDO W . 18.85 22.43 -5.01
O1 EDO W . 17.78 21.86 -4.29
C2 EDO W . 18.84 21.27 -5.99
O2 EDO W . 19.41 21.53 -7.23
C1 EDO X . 9.52 -3.35 -18.34
O1 EDO X . 9.55 -4.40 -17.39
C2 EDO X . 8.12 -2.83 -18.31
O2 EDO X . 8.29 -1.45 -18.68
C1 EDO Y . -7.06 16.67 -26.48
O1 EDO Y . -6.57 15.65 -27.41
C2 EDO Y . -7.30 17.95 -27.23
O2 EDO Y . -8.68 18.28 -27.07
C1 EDO Z . -15.41 -6.22 -19.72
O1 EDO Z . -16.43 -7.05 -20.28
C2 EDO Z . -14.01 -6.84 -19.82
O2 EDO Z . -13.87 -8.15 -19.22
C1 EDO AA . -0.61 -8.97 -14.92
O1 EDO AA . 0.76 -8.54 -15.12
C2 EDO AA . -1.66 -7.86 -14.99
O2 EDO AA . -1.55 -7.19 -16.28
C1 EDO BA . -28.33 7.15 -17.93
O1 EDO BA . -27.64 8.23 -17.29
C2 EDO BA . -28.20 5.86 -17.11
O2 EDO BA . -28.24 4.73 -17.99
C1 EDO CA . -27.08 0.97 -16.48
O1 EDO CA . -26.11 -0.12 -16.43
C2 EDO CA . -26.71 2.06 -17.49
O2 EDO CA . -26.35 3.30 -16.82
C1 EDO DA . -11.19 31.01 1.05
O1 EDO DA . -10.71 30.66 2.36
C2 EDO DA . -10.51 32.22 0.41
O2 EDO DA . -11.31 32.61 -0.69
C1 EDO EA . 12.99 31.61 -5.48
O1 EDO EA . 13.40 31.00 -4.25
C2 EDO EA . 14.14 31.50 -6.46
O2 EDO EA . 13.52 31.32 -7.73
C1 EDO FA . -0.68 31.45 -25.28
O1 EDO FA . -1.36 32.30 -24.29
C2 EDO FA . -1.27 31.37 -26.72
O2 EDO FA . -0.73 30.24 -27.45
C1 EDO GA . -18.10 21.97 -16.87
O1 EDO GA . -17.79 22.88 -15.82
C2 EDO GA . -18.19 22.48 -18.38
O2 EDO GA . -19.39 22.33 -19.33
C1 PEG HA . 0.83 3.77 7.21
O1 PEG HA . 1.93 4.66 7.07
C2 PEG HA . -0.59 4.22 6.81
O2 PEG HA . -0.51 5.43 6.01
C3 PEG HA . -1.83 5.79 5.56
C4 PEG HA . -2.68 4.69 6.16
O4 PEG HA . -3.95 5.02 6.06
C1 PEG IA . -12.93 11.43 -27.60
O1 PEG IA . -13.00 10.30 -28.48
C2 PEG IA . -14.10 12.40 -27.77
O2 PEG IA . -13.73 13.64 -28.24
C3 PEG IA . -13.86 14.35 -29.57
C4 PEG IA . -12.57 15.01 -29.99
O4 PEG IA . -12.31 14.90 -31.39
CO NCO JA . 10.81 5.23 -22.96
N1 NCO JA . 11.25 5.84 -24.88
N2 NCO JA . 11.68 3.73 -21.76
N3 NCO JA . 10.41 5.27 -20.82
N4 NCO JA . 9.23 6.40 -23.86
N5 NCO JA . 9.31 4.32 -24.36
N6 NCO JA . 12.62 5.73 -22.07
CO NCO KA . 20.29 -6.80 -13.85
CO NCO KA . 22.30 -4.32 -13.26
N1 NCO KA . 19.07 -8.35 -14.25
N1 NCO KA . 20.85 -4.45 -11.79
N2 NCO KA . 19.44 -6.08 -12.18
N2 NCO KA . 23.67 -3.19 -12.33
N3 NCO KA . 21.59 -5.28 -13.45
N3 NCO KA . 23.75 -4.05 -14.60
N4 NCO KA . 21.10 -7.49 -15.51
N4 NCO KA . 20.88 -5.46 -14.22
N5 NCO KA . 21.51 -8.36 -13.11
N5 NCO KA . 22.54 -6.09 -12.22
N6 NCO KA . 19.14 -5.26 -14.59
N6 NCO KA . 22.00 -2.56 -14.33
OAB W87 LA . -10.28 -10.81 8.23
OAB W87 LA . -10.28 -10.81 8.23
CAT W87 LA . -9.45 -11.54 8.89
CAT W87 LA . -9.45 -11.54 8.89
OAF W87 LA . -9.75 -12.48 9.61
OAF W87 LA . -9.75 -12.48 9.61
CAX W87 LA . -8.01 -11.08 8.73
CAX W87 LA . -8.01 -11.08 8.73
NAQ W87 LA . -7.61 -10.80 7.46
NAQ W87 LA . -7.61 -10.80 7.46
CAZ W87 LA . -6.37 -10.28 7.27
CAZ W87 LA . -6.38 -10.28 7.27
OAD W87 LA . -5.98 -10.01 6.06
OAD W87 LA . -5.97 -10.02 6.06
NAR W87 LA . -5.55 -10.02 8.29
NAR W87 LA . -5.55 -10.02 8.28
CBA W87 LA . -5.90 -10.23 9.58
CBA W87 LA . -5.90 -10.23 9.58
OAE W87 LA . -5.09 -9.92 10.56
OAE W87 LA . -5.09 -9.92 10.56
CAY W87 LA . -7.22 -10.78 9.86
CAY W87 LA . -7.22 -10.78 9.86
CAP W87 LA . -7.61 -11.04 11.28
CAP W87 LA . -7.60 -11.04 11.28
CAN W87 LA . -7.90 -9.76 12.10
CAN W87 LA . -8.02 -9.74 12.00
CAM W87 LA . -8.83 -8.69 11.49
CAM W87 LA . -9.23 -9.04 11.37
CAO W87 LA . -9.89 -8.18 12.30
CAO W87 LA . -9.93 -8.24 12.46
CAV W87 LA . -11.25 -7.86 11.81
CAV W87 LA . -11.41 -7.98 12.29
CAL W87 LA . -12.22 -8.02 12.78
CAL W87 LA . -12.12 -7.60 13.39
CAI W87 LA . -11.59 -7.41 10.55
CAI W87 LA . -12.10 -8.12 11.06
CAK W87 LA . -12.92 -7.05 10.32
CAK W87 LA . -13.48 -7.82 10.94
CBC W87 LA . -13.88 -7.15 11.32
CBC W87 LA . -14.16 -7.39 12.07
CBB W87 LA . -13.52 -7.65 12.57
CBB W87 LA . -13.47 -7.24 13.31
CAJ W87 LA . -14.43 -7.75 13.62
CAJ W87 LA . -14.13 -6.78 14.46
CAG W87 LA . -15.76 -7.34 13.43
CAG W87 LA . -15.47 -6.46 14.39
CAH W87 LA . -16.13 -6.87 12.17
CAH W87 LA . -16.16 -6.57 13.17
CAW W87 LA . -15.20 -6.77 11.12
CAW W87 LA . -15.52 -7.05 12.02
CAU W87 LA . -15.67 -6.26 9.78
CAU W87 LA . -16.33 -7.11 10.75
OAC W87 LA . -14.95 -6.34 8.76
OAC W87 LA . -17.56 -7.11 10.79
OAS W87 LA . -17.03 -5.73 9.67
OAS W87 LA . -15.64 -7.05 9.47
CAA W87 LA . -17.87 -6.12 8.59
CAA W87 LA . -15.99 -6.06 8.49
C1 GOL MA . 14.76 3.16 5.56
O1 GOL MA . 15.22 2.72 6.82
C2 GOL MA . 15.02 4.63 5.47
O2 GOL MA . 14.17 5.26 6.47
C3 GOL MA . 14.62 5.08 4.05
O3 GOL MA . 15.05 6.45 3.89
C1 GOL NA . -6.01 -6.65 7.04
O1 GOL NA . -6.01 -5.45 6.23
C2 GOL NA . -5.82 -6.26 8.51
O2 GOL NA . -5.65 -4.83 8.74
C3 GOL NA . -6.93 -6.90 9.34
O3 GOL NA . -7.50 -6.01 10.29
C1 GOL OA . -9.35 -8.49 -11.18
O1 GOL OA . -8.24 -8.15 -12.03
C2 GOL OA . -10.46 -9.32 -11.82
O2 GOL OA . -10.83 -8.98 -13.08
C3 GOL OA . -11.74 -9.32 -10.96
O3 GOL OA . -12.63 -10.36 -11.38
C1 GOL PA . -10.18 -19.68 3.36
C1 GOL PA . -10.52 -20.41 2.91
O1 GOL PA . -10.37 -19.77 4.81
O1 GOL PA . -9.75 -19.79 3.93
C2 GOL PA . -11.37 -19.08 2.57
C2 GOL PA . -11.13 -19.29 2.05
O2 GOL PA . -12.63 -19.64 2.90
O2 GOL PA . -10.08 -18.35 2.04
C3 GOL PA . -11.13 -19.05 1.10
C3 GOL PA . -11.47 -19.90 0.70
O3 GOL PA . -12.34 -18.87 0.36
O3 GOL PA . -12.82 -19.54 0.36
C1 GOL QA . 20.61 -18.93 13.70
O1 GOL QA . 19.81 -19.71 12.95
C2 GOL QA . 20.52 -17.39 13.64
O2 GOL QA . 20.98 -16.89 12.41
C3 GOL QA . 19.07 -16.95 13.96
O3 GOL QA . 19.25 -15.55 14.34
C1 GOL RA . 19.23 -12.60 18.03
O1 GOL RA . 19.77 -13.08 16.80
C2 GOL RA . 18.42 -11.33 17.70
O2 GOL RA . 17.36 -11.06 18.58
C3 GOL RA . 19.26 -10.08 17.45
O3 GOL RA . 18.56 -9.29 16.52
C1 GOL SA . 13.71 -30.06 16.87
O1 GOL SA . 14.56 -29.95 17.98
C2 GOL SA . 12.28 -30.46 17.19
O2 GOL SA . 12.22 -31.86 16.97
C3 GOL SA . 11.30 -29.76 16.22
O3 GOL SA . 11.35 -28.34 16.30
C1 GOL TA . 20.46 -4.44 11.70
O1 GOL TA . 19.83 -3.58 12.66
C2 GOL TA . 20.95 -5.78 12.37
O2 GOL TA . 22.35 -5.79 12.69
C3 GOL TA . 20.20 -6.17 13.67
O3 GOL TA . 20.03 -7.56 13.91
C1 GOL UA . -19.28 -16.98 24.13
O1 GOL UA . -19.14 -18.39 23.98
C2 GOL UA . -20.38 -16.28 23.34
O2 GOL UA . -20.21 -14.87 23.43
C3 GOL UA . -20.39 -16.75 21.90
O3 GOL UA . -20.32 -18.18 21.91
C1 GOL VA . -16.94 -10.88 -10.00
O1 GOL VA . -16.58 -11.61 -8.84
C2 GOL VA . -18.16 -10.08 -9.48
O2 GOL VA . -19.36 -10.46 -10.18
C3 GOL VA . -18.39 -10.47 -8.00
O3 GOL VA . -19.51 -9.90 -7.40
C1 GOL WA . 12.24 8.37 17.00
O1 GOL WA . 12.74 8.46 15.68
C2 GOL WA . 10.71 8.34 17.04
O2 GOL WA . 10.11 9.38 16.28
C3 GOL WA . 10.31 8.44 18.53
O3 GOL WA . 8.92 8.31 18.68
C1 GOL XA . -0.23 -14.46 -14.47
O1 GOL XA . -0.22 -15.42 -13.43
C2 GOL XA . 0.42 -13.10 -14.16
O2 GOL XA . -0.36 -12.09 -14.78
C3 GOL XA . 0.56 -12.71 -12.70
O3 GOL XA . 0.90 -13.74 -11.78
AS CAC YA . -9.92 -23.39 5.59
O1 CAC YA . -10.30 -24.03 7.14
O2 CAC YA . -8.92 -22.03 5.65
C1 CAC YA . -11.70 -23.00 4.81
C2 CAC YA . -8.73 -24.37 4.48
AS CAC ZA . 22.97 -8.71 15.89
O1 CAC ZA . 22.49 -7.08 15.51
O2 CAC ZA . 22.37 -9.15 17.47
C1 CAC ZA . 22.28 -9.95 14.54
C2 CAC ZA . 24.94 -8.84 15.86
N1 FMN AB . -3.13 -12.16 9.29
C2 FMN AB . -3.20 -12.38 10.61
O2 FMN AB . -2.28 -11.95 11.34
N3 FMN AB . -4.23 -13.13 11.20
C4 FMN AB . -5.17 -13.68 10.45
O4 FMN AB . -6.03 -14.39 11.07
C4A FMN AB . -5.20 -13.47 9.11
N5 FMN AB . -6.13 -14.03 8.31
C5A FMN AB . -5.96 -14.04 6.97
C6 FMN AB . -6.85 -14.72 6.14
C7 FMN AB . -6.76 -14.72 4.79
C7M FMN AB . -7.70 -15.55 3.90
C8 FMN AB . -5.65 -14.03 4.18
C8M FMN AB . -5.44 -14.04 2.68
C9 FMN AB . -4.73 -13.31 4.97
C9A FMN AB . -4.88 -13.32 6.37
N10 FMN AB . -4.01 -12.61 7.19
C10 FMN AB . -4.09 -12.76 8.56
C1' FMN AB . -2.86 -11.89 6.57
C2' FMN AB . -1.75 -12.84 6.17
O2' FMN AB . -1.20 -13.47 7.35
C3' FMN AB . -0.61 -12.14 5.50
O3' FMN AB . -0.10 -11.16 6.43
C4' FMN AB . -1.08 -11.36 4.23
O4' FMN AB . -2.00 -12.21 3.49
C5' FMN AB . 0.12 -11.04 3.33
O5' FMN AB . 0.89 -12.20 2.94
P FMN AB . 0.74 -12.78 1.44
O1P FMN AB . 1.63 -14.00 1.44
O2P FMN AB . 1.12 -11.71 0.48
O3P FMN AB . -0.75 -13.13 1.30
C1 EDO BB . -13.12 -20.31 23.19
O1 EDO BB . -12.35 -19.75 24.33
C2 EDO BB . -14.27 -21.35 23.46
O2 EDO BB . -15.46 -21.05 24.26
C1 EDO CB . -4.31 -17.42 -9.11
O1 EDO CB . -4.61 -18.26 -8.00
C2 EDO CB . -5.69 -17.11 -9.65
O2 EDO CB . -5.54 -16.22 -10.74
C1 EDO DB . 1.16 -20.19 -5.41
O1 EDO DB . 2.28 -20.06 -6.24
C2 EDO DB . -0.07 -19.45 -5.94
O2 EDO DB . -0.38 -19.56 -7.36
C1 EDO EB . 5.43 -12.27 -10.92
O1 EDO EB . 5.35 -13.59 -11.43
C2 EDO EB . 4.50 -11.27 -11.66
O2 EDO EB . 3.20 -11.70 -12.23
C1 EDO FB . 1.28 -33.07 23.03
O1 EDO FB . 1.82 -32.21 24.09
C2 EDO FB . 1.97 -34.42 22.79
O2 EDO FB . 2.31 -34.54 21.39
C1 EDO GB . -16.36 0.04 7.58
O1 EDO GB . -15.36 -0.14 8.60
C2 EDO GB . -17.09 1.37 7.72
O2 EDO GB . -17.36 2.06 6.46
C1 EDO HB . -21.22 -7.13 5.67
O1 EDO HB . -20.19 -7.77 6.46
C2 EDO HB . -21.79 -7.90 4.49
O2 EDO HB . -23.08 -7.41 4.22
C1 EDO IB . 10.09 -27.03 25.53
O1 EDO IB . 8.99 -27.05 26.44
C2 EDO IB . 10.54 -25.58 25.30
O2 EDO IB . 10.65 -25.31 23.88
C1 EDO JB . 9.45 -29.65 10.07
O1 EDO JB . 10.54 -29.84 10.78
C2 EDO JB . 9.91 -28.91 8.87
O2 EDO JB . 9.25 -29.80 8.00
C1 EDO KB . 13.24 -16.75 23.59
O1 EDO KB . 13.51 -15.38 23.14
C2 EDO KB . 11.88 -17.23 23.04
O2 EDO KB . 11.41 -18.53 23.41
C1 PEG LB . -8.57 -12.19 32.40
O1 PEG LB . -7.67 -13.03 33.20
C2 PEG LB . -8.47 -10.66 32.34
O2 PEG LB . -9.11 -9.84 31.24
C3 PEG LB . -8.51 -8.58 30.89
C4 PEG LB . -8.40 -7.55 32.06
O4 PEG LB . -7.40 -6.49 31.98
#